data_6LM1
#
_entry.id   6LM1
#
_cell.length_a   107.920
_cell.length_b   129.666
_cell.length_c   127.626
_cell.angle_alpha   90.000
_cell.angle_beta   90.000
_cell.angle_gamma   90.000
#
_symmetry.space_group_name_H-M   'C 2 2 21'
#
loop_
_entity.id
_entity.type
_entity.pdbx_description
1 polymer Rhodopsin
2 non-polymer RETINAL
3 non-polymer 'MAGNESIUM ION'
4 non-polymer HEXANE
5 non-polymer N-OCTANE
6 non-polymer DECANE
7 non-polymer DODECANE
8 non-polymer HEXADECANE
9 non-polymer TETRADECANE
10 non-polymer 'NITRATE ION'
11 water water
#
_entity_poly.entity_id   1
_entity_poly.type   'polypeptide(L)'
_entity_poly.pdbx_seq_one_letter_code
;GSSGSSGMTQLALIGLWIGFIGMVIGAVIFGQKAVAMRRKEGMEFPLKSFFIVLWAGALYLTMILGETVTPVKDQTVFWG
RYVDWVVTTPVLLLDLGVLAGLRPKLIAGVIAADIFMILTGLVATLEAPPTSYLWYIISCGAFIAILASLLTEFTASAAR
RNVRVNNLFLKLRNYLIVLWICYPIVWLLGAEAFKIIPTGVEVVIYAIIDIAAKVGFGLILTSAAPEILAQASNSESFME
AVHSYMGKGERERDRSYTP
;
_entity_poly.pdbx_strand_id   A,B,C
#
loop_
_chem_comp.id
_chem_comp.type
_chem_comp.name
_chem_comp.formula
C14 non-polymer TETRADECANE 'C14 H30'
D10 non-polymer DECANE 'C10 H22'
D12 non-polymer DODECANE 'C12 H26'
HEX non-polymer HEXANE 'C6 H14'
MG non-polymer 'MAGNESIUM ION' 'Mg 2'
NO3 non-polymer 'NITRATE ION' 'N O3 -1'
OCT non-polymer N-OCTANE 'C8 H18'
R16 non-polymer HEXADECANE 'C16 H34'
RET non-polymer RETINAL 'C20 H28 O'
#
# COMPACT_ATOMS: atom_id res chain seq x y z
N GLY A 7 15.29 -27.57 -1.46
CA GLY A 7 15.07 -28.03 -0.10
C GLY A 7 13.68 -28.60 0.12
N MET A 8 12.79 -28.35 -0.83
CA MET A 8 11.42 -28.83 -0.76
C MET A 8 11.29 -30.22 -1.38
N THR A 9 10.20 -30.90 -1.06
CA THR A 9 9.99 -32.23 -1.60
C THR A 9 9.60 -32.16 -3.08
N GLN A 10 9.74 -33.29 -3.78
CA GLN A 10 9.34 -33.32 -5.18
C GLN A 10 7.83 -33.11 -5.32
N LEU A 11 7.04 -33.67 -4.39
CA LEU A 11 5.60 -33.45 -4.44
C LEU A 11 5.26 -31.97 -4.30
N ALA A 12 5.94 -31.26 -3.39
CA ALA A 12 5.70 -29.83 -3.26
C ALA A 12 6.01 -29.11 -4.55
N LEU A 13 7.12 -29.46 -5.21
CA LEU A 13 7.48 -28.82 -6.47
C LEU A 13 6.42 -29.09 -7.53
N ILE A 14 5.89 -30.32 -7.56
CA ILE A 14 4.80 -30.64 -8.48
C ILE A 14 3.59 -29.76 -8.20
N GLY A 15 3.24 -29.60 -6.92
CA GLY A 15 2.12 -28.72 -6.57
C GLY A 15 2.33 -27.29 -7.03
N LEU A 16 3.56 -26.78 -6.89
CA LEU A 16 3.83 -25.40 -7.31
C LEU A 16 3.68 -25.24 -8.83
N TRP A 17 4.13 -26.25 -9.59
CA TRP A 17 3.98 -26.20 -11.04
C TRP A 17 2.51 -26.26 -11.46
N ILE A 18 1.71 -27.06 -10.76
CA ILE A 18 0.27 -27.10 -11.03
C ILE A 18 -0.33 -25.71 -10.83
N GLY A 19 -0.02 -25.09 -9.70
CA GLY A 19 -0.51 -23.73 -9.47
C GLY A 19 -0.02 -22.75 -10.52
N PHE A 20 1.26 -22.82 -10.87
CA PHE A 20 1.82 -21.89 -11.85
C PHE A 20 1.14 -22.04 -13.21
N ILE A 21 1.07 -23.26 -13.73
CA ILE A 21 0.49 -23.48 -15.06
C ILE A 21 -0.99 -23.08 -15.06
N GLY A 22 -1.70 -23.40 -13.97
CA GLY A 22 -3.09 -22.99 -13.85
C GLY A 22 -3.27 -21.49 -13.94
N MET A 23 -2.40 -20.73 -13.27
CA MET A 23 -2.50 -19.27 -13.35
C MET A 23 -2.13 -18.75 -14.73
N VAL A 24 -1.15 -19.36 -15.39
CA VAL A 24 -0.77 -18.93 -16.73
C VAL A 24 -1.93 -19.14 -17.69
N ILE A 25 -2.61 -20.28 -17.58
CA ILE A 25 -3.76 -20.54 -18.43
C ILE A 25 -4.87 -19.53 -18.15
N GLY A 26 -5.11 -19.24 -16.88
CA GLY A 26 -6.07 -18.21 -16.53
C GLY A 26 -5.69 -16.85 -17.09
N ALA A 27 -4.39 -16.54 -17.11
CA ALA A 27 -3.95 -15.24 -17.62
C ALA A 27 -4.26 -15.12 -19.11
N VAL A 28 -4.06 -16.20 -19.86
CA VAL A 28 -4.42 -16.21 -21.28
C VAL A 28 -5.91 -15.98 -21.45
N ILE A 29 -6.73 -16.68 -20.65
CA ILE A 29 -8.18 -16.58 -20.80
C ILE A 29 -8.66 -15.17 -20.49
N PHE A 30 -8.27 -14.64 -19.33
CA PHE A 30 -8.78 -13.33 -18.93
C PHE A 30 -8.12 -12.21 -19.70
N GLY A 31 -6.86 -12.42 -20.12
CA GLY A 31 -6.23 -11.43 -20.99
C GLY A 31 -6.95 -11.29 -22.31
N GLN A 32 -7.37 -12.42 -22.90
CA GLN A 32 -8.14 -12.36 -24.13
C GLN A 32 -9.51 -11.74 -23.89
N LYS A 33 -10.17 -12.07 -22.79
CA LYS A 33 -11.47 -11.47 -22.49
C LYS A 33 -11.33 -9.97 -22.27
N ALA A 34 -10.29 -9.53 -21.56
CA ALA A 34 -10.10 -8.10 -21.34
C ALA A 34 -9.87 -7.38 -22.66
N VAL A 35 -9.07 -7.97 -23.55
CA VAL A 35 -8.85 -7.36 -24.85
C VAL A 35 -10.15 -7.30 -25.64
N ALA A 36 -10.96 -8.37 -25.55
CA ALA A 36 -12.21 -8.42 -26.31
C ALA A 36 -13.22 -7.38 -25.83
N MET A 37 -13.19 -7.02 -24.54
CA MET A 37 -14.08 -5.98 -24.00
C MET A 37 -13.45 -4.60 -23.99
N ARG A 38 -12.48 -4.35 -24.89
CA ARG A 38 -11.54 -3.23 -24.73
C ARG A 38 -12.21 -1.89 -24.47
N ARG A 39 -13.28 -1.59 -25.19
CA ARG A 39 -13.97 -0.31 -24.96
C ARG A 39 -15.43 -0.53 -24.60
N LYS A 40 -15.69 -1.50 -23.74
CA LYS A 40 -17.04 -1.83 -23.31
C LYS A 40 -17.15 -1.68 -21.80
N GLU A 41 -18.30 -1.19 -21.34
CA GLU A 41 -18.59 -1.22 -19.91
C GLU A 41 -18.54 -2.66 -19.41
N GLY A 42 -17.94 -2.87 -18.25
CA GLY A 42 -17.75 -4.20 -17.71
C GLY A 42 -16.38 -4.79 -17.97
N MET A 43 -15.54 -4.13 -18.76
CA MET A 43 -14.18 -4.62 -18.98
C MET A 43 -13.39 -4.68 -17.69
N GLU A 44 -13.80 -3.93 -16.66
CA GLU A 44 -13.12 -4.02 -15.37
C GLU A 44 -13.12 -5.43 -14.81
N PHE A 45 -14.15 -6.23 -15.13
CA PHE A 45 -14.20 -7.56 -14.53
C PHE A 45 -13.14 -8.50 -15.10
N PRO A 46 -13.00 -8.68 -16.41
CA PRO A 46 -11.88 -9.51 -16.90
C PRO A 46 -10.52 -8.91 -16.57
N LEU A 47 -10.39 -7.58 -16.55
CA LEU A 47 -9.12 -6.95 -16.20
C LEU A 47 -8.69 -7.32 -14.77
N LYS A 48 -9.61 -7.19 -13.80
CA LYS A 48 -9.27 -7.58 -12.43
C LYS A 48 -8.95 -9.06 -12.33
N SER A 49 -9.71 -9.91 -13.04
CA SER A 49 -9.43 -11.34 -13.04
C SER A 49 -8.05 -11.63 -13.62
N PHE A 50 -7.69 -10.93 -14.69
CA PHE A 50 -6.34 -11.06 -15.24
C PHE A 50 -5.27 -10.67 -14.21
N PHE A 51 -5.44 -9.52 -13.56
CA PHE A 51 -4.42 -9.10 -12.58
C PHE A 51 -4.30 -10.10 -11.44
N ILE A 52 -5.42 -10.68 -11.01
CA ILE A 52 -5.39 -11.65 -9.92
C ILE A 52 -4.51 -12.85 -10.29
N VAL A 53 -4.73 -13.42 -11.48
CA VAL A 53 -3.97 -14.62 -11.83
C VAL A 53 -2.54 -14.27 -12.25
N LEU A 54 -2.32 -13.06 -12.76
CA LEU A 54 -0.96 -12.62 -13.05
C LEU A 54 -0.12 -12.57 -11.78
N TRP A 55 -0.65 -11.93 -10.73
CA TRP A 55 0.08 -11.85 -9.47
C TRP A 55 0.25 -13.23 -8.86
N ALA A 56 -0.83 -14.03 -8.83
CA ALA A 56 -0.71 -15.38 -8.26
C ALA A 56 0.30 -16.23 -9.03
N GLY A 57 0.26 -16.16 -10.38
CA GLY A 57 1.23 -16.89 -11.17
C GLY A 57 2.67 -16.45 -10.94
N ALA A 58 2.89 -15.13 -10.85
CA ALA A 58 4.24 -14.65 -10.56
C ALA A 58 4.73 -15.16 -9.21
N LEU A 59 3.85 -15.15 -8.19
CA LEU A 59 4.31 -15.63 -6.88
C LEU A 59 4.51 -17.13 -6.88
N TYR A 60 3.69 -17.89 -7.62
CA TYR A 60 3.98 -19.32 -7.76
C TYR A 60 5.35 -19.52 -8.40
N LEU A 61 5.67 -18.72 -9.42
CA LEU A 61 7.01 -18.80 -10.03
C LEU A 61 8.10 -18.46 -9.01
N THR A 62 7.90 -17.44 -8.15
CA THR A 62 8.93 -17.17 -7.15
C THR A 62 9.12 -18.36 -6.22
N MET A 63 8.07 -19.16 -5.99
CA MET A 63 8.21 -20.31 -5.10
C MET A 63 8.87 -21.49 -5.82
N ILE A 64 8.49 -21.75 -7.08
CA ILE A 64 9.23 -22.73 -7.89
C ILE A 64 10.73 -22.44 -7.86
N LEU A 65 11.09 -21.17 -7.99
CA LEU A 65 12.51 -20.80 -8.06
C LEU A 65 13.15 -20.68 -6.68
N GLY A 66 12.41 -20.94 -5.60
CA GLY A 66 13.02 -20.91 -4.27
C GLY A 66 13.25 -19.53 -3.71
N GLU A 67 12.68 -18.49 -4.35
CA GLU A 67 12.93 -17.11 -3.96
C GLU A 67 12.11 -16.71 -2.75
N THR A 68 10.87 -17.18 -2.67
CA THR A 68 9.99 -16.84 -1.55
C THR A 68 9.64 -18.06 -0.73
N VAL A 69 10.60 -18.97 -0.60
CA VAL A 69 10.47 -20.17 0.23
C VAL A 69 11.72 -20.27 1.08
N THR A 70 11.55 -20.55 2.36
CA THR A 70 12.67 -20.53 3.28
C THR A 70 12.70 -21.79 4.11
N PRO A 71 13.83 -22.50 4.17
CA PRO A 71 13.99 -23.57 5.16
C PRO A 71 14.26 -22.99 6.53
N VAL A 72 13.57 -23.52 7.54
CA VAL A 72 13.70 -23.00 8.90
C VAL A 72 13.93 -24.14 9.90
N GLN A 75 11.34 -28.77 7.09
CA GLN A 75 10.67 -27.57 7.59
C GLN A 75 10.78 -26.44 6.57
N THR A 76 9.88 -26.45 5.59
CA THR A 76 9.91 -25.54 4.47
C THR A 76 8.77 -24.53 4.61
N VAL A 77 9.12 -23.24 4.63
CA VAL A 77 8.15 -22.18 4.85
C VAL A 77 7.84 -21.52 3.51
N PHE A 78 6.62 -21.70 3.00
CA PHE A 78 6.20 -21.13 1.71
C PHE A 78 5.58 -19.75 1.94
N TRP A 79 6.41 -18.79 2.34
CA TRP A 79 5.85 -17.50 2.72
C TRP A 79 5.43 -16.68 1.51
N GLY A 80 5.90 -17.02 0.31
CA GLY A 80 5.41 -16.36 -0.88
C GLY A 80 3.91 -16.46 -1.08
N ARG A 81 3.27 -17.51 -0.56
CA ARG A 81 1.84 -17.56 -0.81
C ARG A 81 1.09 -16.44 -0.08
N TYR A 82 1.67 -15.90 1.01
CA TYR A 82 1.03 -14.78 1.70
C TYR A 82 1.21 -13.47 0.94
N VAL A 83 2.34 -13.31 0.25
CA VAL A 83 2.51 -12.16 -0.65
C VAL A 83 1.47 -12.23 -1.76
N ASP A 84 1.17 -13.43 -2.24
CA ASP A 84 0.09 -13.62 -3.20
C ASP A 84 -1.25 -13.22 -2.60
N TRP A 85 -1.61 -13.86 -1.47
CA TRP A 85 -2.97 -13.70 -0.94
C TRP A 85 -3.26 -12.27 -0.48
N VAL A 86 -2.26 -11.58 0.07
CA VAL A 86 -2.53 -10.25 0.63
C VAL A 86 -2.93 -9.27 -0.47
N VAL A 87 -2.57 -9.55 -1.71
CA VAL A 87 -2.93 -8.71 -2.85
C VAL A 87 -4.17 -9.22 -3.56
N THR A 88 -4.26 -10.55 -3.79
CA THR A 88 -5.34 -11.05 -4.62
C THR A 88 -6.66 -11.18 -3.85
N THR A 89 -6.63 -11.49 -2.54
CA THR A 89 -7.92 -11.66 -1.87
C THR A 89 -8.67 -10.33 -1.76
N PRO A 90 -8.00 -9.17 -1.57
CA PRO A 90 -8.77 -7.92 -1.65
C PRO A 90 -9.41 -7.67 -3.00
N VAL A 91 -8.74 -8.04 -4.10
CA VAL A 91 -9.31 -7.78 -5.42
C VAL A 91 -10.50 -8.68 -5.66
N LEU A 92 -10.46 -9.92 -5.16
CA LEU A 92 -11.63 -10.79 -5.26
C LEU A 92 -12.83 -10.18 -4.51
N LEU A 93 -12.58 -9.62 -3.32
CA LEU A 93 -13.69 -9.01 -2.59
C LEU A 93 -14.17 -7.73 -3.28
N LEU A 94 -13.25 -6.97 -3.88
CA LEU A 94 -13.65 -5.81 -4.67
C LEU A 94 -14.59 -6.20 -5.81
N ASP A 95 -14.29 -7.31 -6.50
CA ASP A 95 -15.20 -7.87 -7.51
C ASP A 95 -16.61 -8.03 -6.96
N LEU A 96 -16.73 -8.72 -5.84
CA LEU A 96 -18.03 -8.95 -5.21
C LEU A 96 -18.66 -7.63 -4.79
N GLY A 97 -17.84 -6.70 -4.32
CA GLY A 97 -18.39 -5.41 -3.91
C GLY A 97 -18.97 -4.62 -5.07
N VAL A 98 -18.29 -4.62 -6.22
CA VAL A 98 -18.82 -3.92 -7.39
C VAL A 98 -20.12 -4.58 -7.86
N LEU A 99 -20.13 -5.92 -7.92
CA LEU A 99 -21.34 -6.62 -8.33
C LEU A 99 -22.51 -6.32 -7.40
N ALA A 100 -22.26 -6.26 -6.09
CA ALA A 100 -23.31 -6.00 -5.11
C ALA A 100 -23.77 -4.54 -5.11
N GLY A 101 -23.02 -3.64 -5.72
CA GLY A 101 -23.34 -2.22 -5.61
C GLY A 101 -23.05 -1.64 -4.24
N LEU A 102 -22.14 -2.26 -3.49
CA LEU A 102 -21.87 -1.88 -2.12
C LEU A 102 -21.16 -0.52 -2.07
N ARG A 103 -21.51 0.27 -1.05
CA ARG A 103 -20.88 1.58 -0.89
C ARG A 103 -19.38 1.44 -0.71
N PRO A 104 -18.56 2.26 -1.39
CA PRO A 104 -17.10 2.08 -1.31
C PRO A 104 -16.52 2.11 0.10
N LYS A 105 -17.10 2.87 1.03
CA LYS A 105 -16.55 2.86 2.38
C LYS A 105 -16.75 1.51 3.05
N LEU A 106 -17.84 0.81 2.73
CA LEU A 106 -18.03 -0.54 3.25
C LEU A 106 -17.07 -1.52 2.58
N ILE A 107 -16.82 -1.35 1.28
CA ILE A 107 -15.83 -2.19 0.63
C ILE A 107 -14.47 -2.00 1.28
N ALA A 108 -14.12 -0.74 1.60
CA ALA A 108 -12.82 -0.48 2.19
C ALA A 108 -12.67 -1.18 3.54
N GLY A 109 -13.71 -1.16 4.38
CA GLY A 109 -13.63 -1.86 5.66
C GLY A 109 -13.43 -3.36 5.53
N VAL A 110 -14.13 -3.99 4.59
CA VAL A 110 -13.96 -5.44 4.42
C VAL A 110 -12.58 -5.75 3.83
N ILE A 111 -12.05 -4.88 2.97
CA ILE A 111 -10.70 -5.09 2.46
C ILE A 111 -9.67 -4.98 3.59
N ALA A 112 -9.86 -3.99 4.48
CA ALA A 112 -8.98 -3.89 5.65
C ALA A 112 -9.04 -5.14 6.52
N ALA A 113 -10.25 -5.65 6.78
CA ALA A 113 -10.37 -6.90 7.52
C ALA A 113 -9.65 -8.05 6.82
N ASP A 114 -9.75 -8.09 5.49
CA ASP A 114 -9.13 -9.18 4.73
C ASP A 114 -7.60 -9.10 4.79
N ILE A 115 -7.04 -7.89 4.63
CA ILE A 115 -5.58 -7.76 4.77
C ILE A 115 -5.14 -8.15 6.17
N PHE A 116 -5.90 -7.74 7.20
CA PHE A 116 -5.62 -8.16 8.56
C PHE A 116 -5.66 -9.68 8.70
N MET A 117 -6.67 -10.32 8.09
CA MET A 117 -6.75 -11.78 8.11
C MET A 117 -5.52 -12.45 7.52
N ILE A 118 -5.08 -11.98 6.34
CA ILE A 118 -3.92 -12.60 5.69
C ILE A 118 -2.65 -12.35 6.52
N LEU A 119 -2.48 -11.12 7.02
CA LEU A 119 -1.23 -10.80 7.72
C LEU A 119 -1.14 -11.54 9.07
N THR A 120 -2.26 -11.66 9.78
CA THR A 120 -2.20 -12.46 11.00
C THR A 120 -2.01 -13.94 10.68
N GLY A 121 -2.50 -14.40 9.53
CA GLY A 121 -2.20 -15.76 9.11
C GLY A 121 -0.73 -15.95 8.79
N LEU A 122 -0.09 -14.93 8.22
CA LEU A 122 1.35 -15.02 8.00
C LEU A 122 2.09 -15.12 9.34
N VAL A 123 1.71 -14.31 10.33
CA VAL A 123 2.37 -14.43 11.63
C VAL A 123 2.12 -15.81 12.23
N ALA A 124 0.90 -16.35 12.09
CA ALA A 124 0.63 -17.69 12.58
C ALA A 124 1.55 -18.72 11.93
N THR A 125 1.75 -18.60 10.62
CA THR A 125 2.59 -19.53 9.88
C THR A 125 4.06 -19.41 10.31
N LEU A 126 4.52 -18.20 10.57
CA LEU A 126 5.92 -18.03 10.98
C LEU A 126 6.17 -18.39 12.43
N GLU A 127 5.14 -18.47 13.26
CA GLU A 127 5.34 -18.67 14.69
C GLU A 127 5.44 -20.16 15.02
N ALA A 128 5.82 -20.43 16.26
CA ALA A 128 5.86 -21.78 16.80
C ALA A 128 4.65 -22.03 17.70
N PRO A 129 4.21 -23.27 17.89
CA PRO A 129 3.12 -23.52 18.81
C PRO A 129 3.55 -23.22 20.23
N PRO A 130 2.63 -22.81 21.11
CA PRO A 130 1.20 -22.60 20.86
C PRO A 130 0.88 -21.21 20.33
N THR A 131 1.90 -20.35 20.26
CA THR A 131 1.68 -18.97 19.83
C THR A 131 1.07 -18.92 18.44
N SER A 132 1.47 -19.84 17.57
CA SER A 132 0.92 -19.88 16.22
C SER A 132 -0.59 -20.04 16.26
N TYR A 133 -1.10 -20.84 17.19
CA TYR A 133 -2.53 -21.08 17.25
C TYR A 133 -3.28 -19.83 17.70
N LEU A 134 -2.67 -19.01 18.55
CA LEU A 134 -3.27 -17.72 18.93
C LEU A 134 -3.54 -16.87 17.70
N TRP A 135 -2.54 -16.72 16.83
CA TRP A 135 -2.73 -15.89 15.64
C TRP A 135 -3.71 -16.53 14.67
N TYR A 136 -3.73 -17.87 14.60
CA TYR A 136 -4.71 -18.55 13.77
C TYR A 136 -6.12 -18.16 14.20
N ILE A 137 -6.38 -18.21 15.50
CA ILE A 137 -7.71 -17.89 16.01
C ILE A 137 -8.07 -16.44 15.72
N ILE A 138 -7.12 -15.52 15.91
CA ILE A 138 -7.34 -14.12 15.60
C ILE A 138 -7.66 -13.94 14.12
N SER A 139 -6.90 -14.60 13.25
CA SER A 139 -7.18 -14.54 11.81
C SER A 139 -8.56 -15.11 11.48
N CYS A 140 -8.93 -16.23 12.11
CA CYS A 140 -10.27 -16.78 11.93
C CYS A 140 -11.37 -15.80 12.32
N GLY A 141 -11.13 -15.04 13.39
CA GLY A 141 -12.10 -14.02 13.80
C GLY A 141 -12.31 -12.99 12.71
N ALA A 142 -11.22 -12.51 12.11
CA ALA A 142 -11.36 -11.61 10.97
C ALA A 142 -12.12 -12.28 9.82
N PHE A 143 -11.85 -13.56 9.56
CA PHE A 143 -12.54 -14.29 8.48
C PHE A 143 -14.05 -14.35 8.74
N ILE A 144 -14.45 -14.67 9.96
CA ILE A 144 -15.87 -14.73 10.29
C ILE A 144 -16.53 -13.37 10.08
N ALA A 145 -15.82 -12.28 10.39
CA ALA A 145 -16.36 -10.95 10.15
C ALA A 145 -16.58 -10.70 8.67
N ILE A 146 -15.63 -11.14 7.83
CA ILE A 146 -15.77 -10.98 6.38
C ILE A 146 -16.96 -11.80 5.88
N LEU A 147 -17.06 -13.05 6.32
CA LEU A 147 -18.19 -13.88 5.91
C LEU A 147 -19.52 -13.26 6.30
N ALA A 148 -19.61 -12.74 7.53
CA ALA A 148 -20.84 -12.09 7.97
C ALA A 148 -21.18 -10.88 7.10
N SER A 149 -20.16 -10.10 6.75
CA SER A 149 -20.37 -8.97 5.85
C SER A 149 -20.92 -9.45 4.51
N LEU A 150 -20.32 -10.50 3.94
CA LEU A 150 -20.78 -11.02 2.65
C LEU A 150 -22.23 -11.47 2.72
N LEU A 151 -22.60 -12.14 3.81
CA LEU A 151 -23.95 -12.66 3.97
C LEU A 151 -24.97 -11.61 4.38
N THR A 152 -24.52 -10.43 4.79
CA THR A 152 -25.48 -9.41 5.23
C THR A 152 -25.45 -8.17 4.35
N GLU A 153 -24.49 -7.26 4.52
CA GLU A 153 -24.59 -6.00 3.78
C GLU A 153 -24.32 -6.18 2.28
N PHE A 154 -23.36 -7.04 1.88
CA PHE A 154 -23.20 -7.30 0.45
C PHE A 154 -24.50 -7.84 -0.13
N THR A 155 -25.11 -8.78 0.58
CA THR A 155 -26.28 -9.48 0.07
C THR A 155 -27.49 -8.56 0.00
N ALA A 156 -27.66 -7.71 1.01
CA ALA A 156 -28.76 -6.75 1.01
C ALA A 156 -28.58 -5.72 -0.11
N SER A 157 -27.35 -5.32 -0.39
CA SER A 157 -27.12 -4.37 -1.47
C SER A 157 -27.40 -5.01 -2.83
N ALA A 158 -26.96 -6.26 -3.01
CA ALA A 158 -27.18 -6.93 -4.28
C ALA A 158 -28.66 -7.15 -4.54
N ALA A 159 -29.44 -7.39 -3.47
CA ALA A 159 -30.87 -7.66 -3.65
C ALA A 159 -31.64 -6.46 -4.16
N ARG A 160 -31.06 -5.27 -4.12
CA ARG A 160 -31.67 -4.08 -4.69
C ARG A 160 -31.41 -3.94 -6.19
N ARG A 161 -30.52 -4.75 -6.76
CA ARG A 161 -30.20 -4.62 -8.17
C ARG A 161 -31.14 -5.49 -8.99
N ASN A 162 -30.97 -5.51 -10.31
CA ASN A 162 -31.91 -6.29 -11.10
C ASN A 162 -31.64 -7.79 -10.93
N VAL A 163 -32.59 -8.60 -11.40
CA VAL A 163 -32.57 -10.02 -11.08
C VAL A 163 -31.29 -10.70 -11.57
N ARG A 164 -30.83 -10.34 -12.77
CA ARG A 164 -29.68 -11.04 -13.33
C ARG A 164 -28.38 -10.65 -12.63
N VAL A 165 -28.24 -9.39 -12.25
CA VAL A 165 -27.06 -8.98 -11.50
C VAL A 165 -27.06 -9.60 -10.11
N ASN A 166 -28.22 -9.60 -9.45
CA ASN A 166 -28.30 -10.22 -8.13
C ASN A 166 -28.00 -11.71 -8.19
N ASN A 167 -28.52 -12.40 -9.23
CA ASN A 167 -28.27 -13.83 -9.36
C ASN A 167 -26.78 -14.12 -9.57
N LEU A 168 -26.10 -13.29 -10.37
CA LEU A 168 -24.66 -13.46 -10.57
C LEU A 168 -23.90 -13.22 -9.28
N PHE A 169 -24.25 -12.16 -8.54
CA PHE A 169 -23.62 -11.93 -7.23
C PHE A 169 -23.77 -13.15 -6.32
N LEU A 170 -24.98 -13.70 -6.22
CA LEU A 170 -25.21 -14.80 -5.28
C LEU A 170 -24.41 -16.04 -5.67
N LYS A 171 -24.36 -16.34 -6.97
CA LYS A 171 -23.55 -17.46 -7.46
C LYS A 171 -22.09 -17.31 -7.07
N LEU A 172 -21.52 -16.12 -7.31
CA LEU A 172 -20.12 -15.87 -6.98
C LEU A 172 -19.91 -15.75 -5.48
N ARG A 173 -20.85 -15.16 -4.76
CA ARG A 173 -20.76 -15.12 -3.31
C ARG A 173 -20.66 -16.53 -2.73
N ASN A 174 -21.55 -17.41 -3.17
CA ASN A 174 -21.59 -18.76 -2.62
C ASN A 174 -20.34 -19.55 -3.00
N TYR A 175 -19.92 -19.42 -4.25
CA TYR A 175 -18.69 -20.05 -4.71
C TYR A 175 -17.50 -19.56 -3.91
N LEU A 176 -17.38 -18.25 -3.71
CA LEU A 176 -16.25 -17.72 -2.94
C LEU A 176 -16.25 -18.25 -1.52
N ILE A 177 -17.41 -18.25 -0.87
CA ILE A 177 -17.46 -18.65 0.54
C ILE A 177 -16.99 -20.10 0.69
N VAL A 178 -17.49 -20.98 -0.18
CA VAL A 178 -17.16 -22.40 -0.05
C VAL A 178 -15.66 -22.63 -0.22
N LEU A 179 -15.07 -21.99 -1.24
CA LEU A 179 -13.64 -22.18 -1.49
C LEU A 179 -12.79 -21.55 -0.40
N TRP A 180 -13.16 -20.34 0.07
CA TRP A 180 -12.30 -19.69 1.04
C TRP A 180 -12.29 -20.43 2.37
N ILE A 181 -13.42 -21.06 2.72
CA ILE A 181 -13.45 -21.81 3.99
C ILE A 181 -12.44 -22.95 3.96
N CYS A 182 -12.12 -23.47 2.77
CA CYS A 182 -11.17 -24.56 2.65
C CYS A 182 -9.78 -24.16 3.18
N TYR A 183 -9.39 -22.90 3.05
CA TYR A 183 -8.02 -22.52 3.40
C TYR A 183 -7.70 -22.69 4.87
N PRO A 184 -8.47 -22.14 5.83
CA PRO A 184 -8.10 -22.35 7.25
C PRO A 184 -8.22 -23.80 7.67
N ILE A 185 -8.99 -24.61 6.96
CA ILE A 185 -9.12 -26.02 7.31
C ILE A 185 -7.87 -26.79 6.88
N VAL A 186 -7.40 -26.53 5.66
CA VAL A 186 -6.15 -27.11 5.22
C VAL A 186 -5.02 -26.67 6.14
N TRP A 187 -5.00 -25.40 6.53
CA TRP A 187 -3.92 -24.89 7.38
C TRP A 187 -3.89 -25.65 8.70
N LEU A 188 -5.05 -25.85 9.31
CA LEU A 188 -5.12 -26.52 10.60
C LEU A 188 -4.72 -27.98 10.49
N LEU A 189 -5.00 -28.63 9.35
CA LEU A 189 -4.67 -30.04 9.19
C LEU A 189 -3.23 -30.27 8.76
N GLY A 190 -2.54 -29.24 8.30
CA GLY A 190 -1.21 -29.38 7.76
C GLY A 190 -0.11 -29.15 8.78
N ALA A 191 1.09 -28.90 8.27
CA ALA A 191 2.29 -28.88 9.10
C ALA A 191 2.22 -27.84 10.21
N GLU A 192 1.42 -26.79 10.04
CA GLU A 192 1.42 -25.71 11.02
C GLU A 192 0.61 -26.04 12.28
N ALA A 193 -0.17 -27.14 12.28
CA ALA A 193 -0.94 -27.47 13.46
C ALA A 193 -1.00 -28.98 13.72
N PHE A 194 -2.02 -29.65 13.19
CA PHE A 194 -2.21 -31.05 13.56
C PHE A 194 -1.28 -32.00 12.82
N LYS A 195 -0.61 -31.56 11.76
CA LYS A 195 0.34 -32.39 11.01
C LYS A 195 -0.32 -33.66 10.46
N ILE A 196 -1.57 -33.55 10.01
CA ILE A 196 -2.27 -34.67 9.37
C ILE A 196 -1.94 -34.74 7.88
N ILE A 197 -1.93 -33.59 7.20
CA ILE A 197 -1.61 -33.50 5.79
C ILE A 197 -0.10 -33.29 5.66
N PRO A 198 0.61 -34.14 4.92
CA PRO A 198 2.05 -33.92 4.71
C PRO A 198 2.30 -32.62 3.93
N THR A 199 3.50 -32.07 4.11
CA THR A 199 3.79 -30.75 3.55
C THR A 199 3.61 -30.74 2.03
N GLY A 200 4.07 -31.79 1.34
CA GLY A 200 3.96 -31.82 -0.11
C GLY A 200 2.52 -31.90 -0.59
N VAL A 201 1.71 -32.71 0.08
CA VAL A 201 0.28 -32.80 -0.25
C VAL A 201 -0.42 -31.48 0.00
N GLU A 202 -0.03 -30.78 1.08
CA GLU A 202 -0.62 -29.49 1.39
C GLU A 202 -0.38 -28.49 0.26
N VAL A 203 0.82 -28.52 -0.33
CA VAL A 203 1.14 -27.60 -1.43
C VAL A 203 0.25 -27.90 -2.64
N VAL A 204 0.06 -29.18 -2.95
CA VAL A 204 -0.82 -29.59 -4.04
C VAL A 204 -2.25 -29.13 -3.79
N ILE A 205 -2.75 -29.32 -2.57
CA ILE A 205 -4.12 -28.94 -2.27
C ILE A 205 -4.32 -27.42 -2.43
N TYR A 206 -3.37 -26.63 -1.92
CA TYR A 206 -3.52 -25.18 -2.04
C TYR A 206 -3.53 -24.76 -3.51
N ALA A 207 -2.72 -25.42 -4.34
CA ALA A 207 -2.69 -25.07 -5.76
C ALA A 207 -4.04 -25.34 -6.42
N ILE A 208 -4.66 -26.48 -6.08
CA ILE A 208 -5.96 -26.81 -6.65
C ILE A 208 -7.03 -25.83 -6.18
N ILE A 209 -7.06 -25.52 -4.88
CA ILE A 209 -8.03 -24.55 -4.39
C ILE A 209 -7.75 -23.17 -4.97
N ASP A 210 -6.47 -22.78 -5.07
CA ASP A 210 -6.11 -21.49 -5.67
C ASP A 210 -6.65 -21.38 -7.10
N ILE A 211 -6.44 -22.43 -7.90
CA ILE A 211 -6.94 -22.41 -9.27
C ILE A 211 -8.47 -22.26 -9.28
N ALA A 212 -9.15 -23.05 -8.44
CA ALA A 212 -10.61 -22.90 -8.34
C ALA A 212 -10.99 -21.50 -7.89
N ALA A 213 -10.27 -20.96 -6.89
CA ALA A 213 -10.67 -19.68 -6.29
C ALA A 213 -10.34 -18.48 -7.17
N LYS A 214 -9.42 -18.63 -8.12
CA LYS A 214 -9.05 -17.50 -8.96
C LYS A 214 -9.46 -17.70 -10.41
N VAL A 215 -9.11 -18.84 -11.00
CA VAL A 215 -9.50 -19.10 -12.39
C VAL A 215 -10.97 -19.49 -12.47
N GLY A 216 -11.41 -20.41 -11.61
CA GLY A 216 -12.81 -20.81 -11.63
C GLY A 216 -13.74 -19.64 -11.31
N PHE A 217 -13.41 -18.88 -10.27
CA PHE A 217 -14.17 -17.68 -9.94
C PHE A 217 -14.20 -16.72 -11.12
N GLY A 218 -13.05 -16.45 -11.72
CA GLY A 218 -12.99 -15.52 -12.84
C GLY A 218 -13.76 -16.02 -14.05
N LEU A 219 -13.77 -17.33 -14.27
CA LEU A 219 -14.52 -17.90 -15.39
C LEU A 219 -16.02 -17.71 -15.20
N ILE A 220 -16.53 -17.96 -14.01
CA ILE A 220 -17.96 -17.74 -13.75
C ILE A 220 -18.30 -16.28 -13.99
N LEU A 221 -17.47 -15.38 -13.47
CA LEU A 221 -17.73 -13.96 -13.57
C LEU A 221 -17.65 -13.49 -15.03
N THR A 222 -16.54 -13.77 -15.71
CA THR A 222 -16.34 -13.21 -17.04
C THR A 222 -17.14 -13.92 -18.12
N SER A 223 -17.78 -15.05 -17.81
CA SER A 223 -18.64 -15.71 -18.79
C SER A 223 -20.09 -15.25 -18.71
N ALA A 224 -20.44 -14.39 -17.75
CA ALA A 224 -21.77 -13.81 -17.72
C ALA A 224 -21.99 -12.97 -18.98
N ALA A 225 -23.25 -12.83 -19.37
CA ALA A 225 -23.58 -12.06 -20.56
C ALA A 225 -23.01 -10.64 -20.44
N PRO A 226 -22.46 -10.08 -21.52
CA PRO A 226 -21.80 -8.77 -21.42
C PRO A 226 -22.71 -7.65 -20.95
N GLU A 227 -24.01 -7.71 -21.30
CA GLU A 227 -24.93 -6.68 -20.81
C GLU A 227 -25.07 -6.73 -19.30
N ILE A 228 -24.95 -7.93 -18.70
CA ILE A 228 -25.01 -8.04 -17.24
C ILE A 228 -23.76 -7.44 -16.61
N LEU A 229 -22.58 -7.74 -17.17
CA LEU A 229 -21.36 -7.14 -16.66
C LEU A 229 -21.40 -5.62 -16.79
N ALA A 230 -21.94 -5.12 -17.90
CA ALA A 230 -22.06 -3.68 -18.09
C ALA A 230 -22.99 -3.06 -17.04
N GLN A 231 -24.14 -3.69 -16.79
CA GLN A 231 -25.04 -3.19 -15.76
C GLN A 231 -24.39 -3.27 -14.40
N ALA A 232 -23.71 -4.37 -14.11
CA ALA A 232 -23.10 -4.55 -12.79
C ALA A 232 -22.02 -3.51 -12.52
N SER A 233 -21.27 -3.11 -13.56
CA SER A 233 -20.18 -2.18 -13.37
C SER A 233 -20.67 -0.77 -13.09
N ASN A 234 -21.90 -0.44 -13.45
CA ASN A 234 -22.47 0.86 -13.13
C ASN A 234 -23.03 0.87 -11.72
N GLY B 7 14.51 -10.77 26.88
CA GLY B 7 15.45 -9.81 26.32
C GLY B 7 15.13 -8.37 26.69
N MET B 8 13.86 -8.12 27.01
CA MET B 8 13.40 -6.80 27.43
C MET B 8 13.13 -6.81 28.93
N THR B 9 13.13 -5.61 29.51
CA THR B 9 12.99 -5.49 30.95
C THR B 9 11.56 -5.79 31.39
N GLN B 10 11.39 -5.98 32.71
CA GLN B 10 10.07 -6.21 33.27
C GLN B 10 9.19 -4.97 33.11
N LEU B 11 9.75 -3.78 33.30
CA LEU B 11 8.97 -2.56 33.12
C LEU B 11 8.52 -2.40 31.68
N ALA B 12 9.40 -2.69 30.72
CA ALA B 12 9.01 -2.60 29.32
C ALA B 12 7.87 -3.55 28.99
N LEU B 13 7.90 -4.77 29.55
CA LEU B 13 6.81 -5.70 29.29
C LEU B 13 5.51 -5.22 29.93
N ILE B 14 5.59 -4.64 31.14
CA ILE B 14 4.41 -4.03 31.76
C ILE B 14 3.86 -2.92 30.86
N GLY B 15 4.72 -2.08 30.29
CA GLY B 15 4.25 -1.04 29.39
C GLY B 15 3.54 -1.61 28.17
N LEU B 16 4.08 -2.69 27.60
CA LEU B 16 3.43 -3.31 26.44
C LEU B 16 2.06 -3.85 26.80
N TRP B 17 1.91 -4.41 28.00
CA TRP B 17 0.61 -4.94 28.42
C TRP B 17 -0.39 -3.82 28.66
N ILE B 18 0.07 -2.69 29.21
CA ILE B 18 -0.80 -1.52 29.35
C ILE B 18 -1.33 -1.07 28.00
N GLY B 19 -0.43 -0.92 27.01
CA GLY B 19 -0.88 -0.53 25.69
C GLY B 19 -1.84 -1.55 25.09
N PHE B 20 -1.50 -2.83 25.21
CA PHE B 20 -2.32 -3.88 24.62
C PHE B 20 -3.72 -3.89 25.22
N ILE B 21 -3.79 -3.82 26.55
CA ILE B 21 -5.08 -3.88 27.22
C ILE B 21 -5.91 -2.62 26.94
N GLY B 22 -5.25 -1.46 26.89
CA GLY B 22 -5.95 -0.24 26.49
C GLY B 22 -6.56 -0.35 25.10
N MET B 23 -5.83 -0.94 24.15
CA MET B 23 -6.37 -1.05 22.80
C MET B 23 -7.50 -2.07 22.73
N VAL B 24 -7.39 -3.19 23.47
CA VAL B 24 -8.47 -4.17 23.52
C VAL B 24 -9.74 -3.54 24.09
N ILE B 25 -9.60 -2.73 25.14
CA ILE B 25 -10.74 -2.03 25.70
C ILE B 25 -11.35 -1.09 24.66
N GLY B 26 -10.51 -0.32 23.97
CA GLY B 26 -10.99 0.51 22.88
C GLY B 26 -11.72 -0.28 21.81
N ALA B 27 -11.18 -1.44 21.43
CA ALA B 27 -11.80 -2.19 20.33
C ALA B 27 -13.17 -2.72 20.73
N VAL B 28 -13.35 -3.10 22.00
CA VAL B 28 -14.67 -3.51 22.45
C VAL B 28 -15.64 -2.33 22.40
N ILE B 29 -15.21 -1.17 22.91
CA ILE B 29 -16.06 0.01 22.91
C ILE B 29 -16.42 0.41 21.49
N PHE B 30 -15.41 0.62 20.64
CA PHE B 30 -15.67 1.12 19.30
C PHE B 30 -16.34 0.07 18.43
N GLY B 31 -15.98 -1.20 18.63
CA GLY B 31 -16.65 -2.27 17.88
C GLY B 31 -18.13 -2.34 18.18
N GLN B 32 -18.50 -2.22 19.45
CA GLN B 32 -19.93 -2.24 19.79
C GLN B 32 -20.63 -0.98 19.32
N LYS B 33 -19.95 0.17 19.36
CA LYS B 33 -20.54 1.39 18.81
C LYS B 33 -20.73 1.29 17.31
N ALA B 34 -19.77 0.68 16.61
CA ALA B 34 -19.91 0.50 15.17
C ALA B 34 -21.09 -0.42 14.84
N VAL B 35 -21.25 -1.49 15.62
CA VAL B 35 -22.38 -2.39 15.42
C VAL B 35 -23.69 -1.69 15.77
N ALA B 36 -23.67 -0.83 16.78
CA ALA B 36 -24.89 -0.11 17.14
C ALA B 36 -25.27 0.92 16.09
N MET B 37 -24.30 1.49 15.40
CA MET B 37 -24.54 2.49 14.35
C MET B 37 -24.68 1.86 12.96
N ARG B 38 -24.91 0.54 12.89
CA ARG B 38 -24.73 -0.19 11.63
C ARG B 38 -25.57 0.36 10.49
N ARG B 39 -26.74 0.92 10.78
CA ARG B 39 -27.64 1.40 9.74
C ARG B 39 -27.72 2.92 9.69
N LYS B 40 -26.69 3.61 10.18
CA LYS B 40 -26.78 5.07 10.32
C LYS B 40 -25.62 5.79 9.65
N GLU B 41 -25.91 7.01 9.21
CA GLU B 41 -24.88 7.93 8.75
C GLU B 41 -23.94 8.27 9.90
N GLY B 42 -22.65 8.38 9.58
CA GLY B 42 -21.65 8.61 10.60
C GLY B 42 -21.05 7.36 11.19
N MET B 43 -21.54 6.17 10.79
CA MET B 43 -20.98 4.92 11.28
C MET B 43 -19.50 4.76 10.92
N GLU B 44 -19.02 5.50 9.91
CA GLU B 44 -17.61 5.39 9.54
C GLU B 44 -16.69 5.82 10.67
N PHE B 45 -17.15 6.72 11.56
CA PHE B 45 -16.27 7.20 12.62
C PHE B 45 -15.97 6.12 13.65
N PRO B 46 -16.96 5.43 14.24
CA PRO B 46 -16.60 4.31 15.12
C PRO B 46 -15.89 3.17 14.40
N LEU B 47 -16.20 2.93 13.12
CA LEU B 47 -15.52 1.87 12.40
C LEU B 47 -14.04 2.19 12.20
N LYS B 48 -13.72 3.42 11.78
CA LYS B 48 -12.31 3.82 11.68
C LYS B 48 -11.63 3.77 13.05
N SER B 49 -12.32 4.25 14.09
CA SER B 49 -11.77 4.17 15.44
C SER B 49 -11.50 2.72 15.85
N PHE B 50 -12.44 1.82 15.55
CA PHE B 50 -12.22 0.39 15.80
C PHE B 50 -10.98 -0.12 15.07
N PHE B 51 -10.86 0.17 13.78
CA PHE B 51 -9.71 -0.33 13.04
C PHE B 51 -8.41 0.22 13.58
N ILE B 52 -8.40 1.48 14.03
CA ILE B 52 -7.18 2.06 14.56
C ILE B 52 -6.71 1.27 15.78
N VAL B 53 -7.62 0.98 16.71
CA VAL B 53 -7.20 0.29 17.93
C VAL B 53 -7.02 -1.21 17.69
N LEU B 54 -7.71 -1.78 16.70
CA LEU B 54 -7.46 -3.17 16.33
C LEU B 54 -6.02 -3.36 15.84
N TRP B 55 -5.59 -2.50 14.92
CA TRP B 55 -4.24 -2.62 14.40
C TRP B 55 -3.20 -2.36 15.49
N ALA B 56 -3.38 -1.29 16.28
CA ALA B 56 -2.44 -0.99 17.35
C ALA B 56 -2.40 -2.12 18.39
N GLY B 57 -3.56 -2.67 18.75
CA GLY B 57 -3.57 -3.77 19.70
C GLY B 57 -2.87 -5.01 19.17
N ALA B 58 -3.07 -5.32 17.89
CA ALA B 58 -2.37 -6.46 17.30
C ALA B 58 -0.87 -6.24 17.31
N LEU B 59 -0.41 -5.03 16.97
CA LEU B 59 1.03 -4.78 16.98
C LEU B 59 1.58 -4.77 18.41
N TYR B 60 0.82 -4.27 19.38
CA TYR B 60 1.26 -4.41 20.77
C TYR B 60 1.42 -5.89 21.13
N LEU B 61 0.47 -6.73 20.72
CA LEU B 61 0.61 -8.16 20.95
C LEU B 61 1.86 -8.73 20.28
N THR B 62 2.18 -8.28 19.05
CA THR B 62 3.41 -8.80 18.43
C THR B 62 4.65 -8.41 19.22
N MET B 63 4.62 -7.26 19.90
CA MET B 63 5.77 -6.86 20.71
C MET B 63 5.83 -7.65 22.03
N ILE B 64 4.68 -7.85 22.68
CA ILE B 64 4.64 -8.71 23.87
C ILE B 64 5.26 -10.06 23.56
N LEU B 65 4.94 -10.62 22.40
CA LEU B 65 5.40 -11.95 22.01
C LEU B 65 6.81 -11.94 21.45
N GLY B 66 7.48 -10.79 21.39
CA GLY B 66 8.83 -10.72 20.86
C GLY B 66 8.95 -10.82 19.36
N GLU B 67 7.83 -10.73 18.63
CA GLU B 67 7.86 -10.93 17.18
C GLU B 67 8.38 -9.70 16.44
N THR B 68 8.00 -8.50 16.88
CA THR B 68 8.44 -7.26 16.23
C THR B 68 9.36 -6.46 17.14
N VAL B 69 10.16 -7.18 17.89
CA VAL B 69 11.18 -6.63 18.78
C VAL B 69 12.49 -7.35 18.46
N THR B 70 13.57 -6.59 18.32
CA THR B 70 14.86 -7.21 18.02
C THR B 70 15.90 -6.71 19.01
N PRO B 71 16.60 -7.62 19.69
CA PRO B 71 17.72 -7.21 20.56
C PRO B 71 18.92 -6.80 19.70
N VAL B 72 19.36 -5.56 19.85
CA VAL B 72 20.55 -5.11 19.14
C VAL B 72 21.70 -4.96 20.12
N GLN B 75 19.41 -2.22 24.72
CA GLN B 75 19.74 -2.69 23.38
C GLN B 75 18.59 -3.50 22.78
N THR B 76 17.43 -2.87 22.66
CA THR B 76 16.22 -3.54 22.21
C THR B 76 15.43 -2.59 21.32
N VAL B 77 15.22 -2.98 20.06
CA VAL B 77 14.53 -2.14 19.07
C VAL B 77 13.07 -2.58 18.96
N PHE B 78 12.16 -1.69 19.34
CA PHE B 78 10.72 -1.96 19.27
C PHE B 78 10.17 -1.51 17.92
N TRP B 79 10.60 -2.22 16.86
CA TRP B 79 10.27 -1.72 15.52
C TRP B 79 8.81 -1.96 15.16
N GLY B 80 8.12 -2.83 15.89
CA GLY B 80 6.70 -3.00 15.66
C GLY B 80 5.89 -1.72 15.84
N ARG B 81 6.35 -0.79 16.66
CA ARG B 81 5.50 0.40 16.83
C ARG B 81 5.45 1.24 15.56
N TYR B 82 6.48 1.15 14.69
CA TYR B 82 6.43 1.81 13.39
C TYR B 82 5.48 1.12 12.43
N VAL B 83 5.37 -0.21 12.50
CA VAL B 83 4.34 -0.91 11.72
C VAL B 83 2.96 -0.47 12.16
N ASP B 84 2.79 -0.24 13.47
CA ASP B 84 1.56 0.32 14.01
C ASP B 84 1.33 1.72 13.45
N TRP B 85 2.30 2.63 13.66
CA TRP B 85 2.07 4.05 13.38
C TRP B 85 1.87 4.32 11.89
N VAL B 86 2.57 3.59 11.02
CA VAL B 86 2.48 3.90 9.59
C VAL B 86 1.07 3.63 9.05
N VAL B 87 0.30 2.80 9.73
CA VAL B 87 -1.10 2.52 9.36
C VAL B 87 -2.08 3.39 10.15
N THR B 88 -1.86 3.56 11.46
CA THR B 88 -2.87 4.23 12.26
C THR B 88 -2.80 5.75 12.16
N THR B 89 -1.60 6.33 12.02
CA THR B 89 -1.57 7.79 11.97
C THR B 89 -2.25 8.31 10.70
N PRO B 90 -2.12 7.66 9.53
CA PRO B 90 -2.96 8.10 8.39
C PRO B 90 -4.46 8.04 8.67
N VAL B 91 -4.94 7.00 9.37
CA VAL B 91 -6.39 6.91 9.57
C VAL B 91 -6.86 7.99 10.54
N LEU B 92 -6.03 8.36 11.51
CA LEU B 92 -6.41 9.46 12.40
C LEU B 92 -6.51 10.76 11.62
N LEU B 93 -5.58 11.00 10.70
CA LEU B 93 -5.63 12.20 9.89
C LEU B 93 -6.84 12.18 8.96
N LEU B 94 -7.16 11.00 8.44
CA LEU B 94 -8.37 10.85 7.63
C LEU B 94 -9.62 11.24 8.42
N ASP B 95 -9.69 10.84 9.70
CA ASP B 95 -10.78 11.25 10.58
C ASP B 95 -10.96 12.75 10.56
N LEU B 96 -9.87 13.49 10.85
CA LEU B 96 -9.93 14.94 10.89
C LEU B 96 -10.31 15.51 9.53
N GLY B 97 -9.79 14.91 8.46
CA GLY B 97 -10.10 15.40 7.12
C GLY B 97 -11.57 15.24 6.76
N VAL B 98 -12.18 14.14 7.21
CA VAL B 98 -13.61 13.96 6.96
C VAL B 98 -14.43 14.94 7.79
N LEU B 99 -14.06 15.13 9.06
CA LEU B 99 -14.74 16.12 9.89
C LEU B 99 -14.61 17.52 9.29
N ALA B 100 -13.41 17.87 8.84
CA ALA B 100 -13.17 19.20 8.28
C ALA B 100 -13.83 19.38 6.92
N GLY B 101 -14.21 18.29 6.25
CA GLY B 101 -14.72 18.40 4.89
C GLY B 101 -13.64 18.71 3.88
N LEU B 102 -12.41 18.26 4.13
CA LEU B 102 -11.29 18.60 3.25
C LEU B 102 -11.36 17.84 1.93
N ARG B 103 -10.88 18.50 0.88
CA ARG B 103 -10.81 17.86 -0.43
C ARG B 103 -9.97 16.58 -0.35
N PRO B 104 -10.43 15.48 -0.96
CA PRO B 104 -9.67 14.23 -0.90
C PRO B 104 -8.23 14.33 -1.39
N LYS B 105 -7.97 15.10 -2.45
CA LYS B 105 -6.59 15.23 -2.92
C LYS B 105 -5.71 15.88 -1.85
N LEU B 106 -6.27 16.80 -1.07
CA LEU B 106 -5.50 17.40 0.01
C LEU B 106 -5.26 16.40 1.13
N ILE B 107 -6.27 15.60 1.46
CA ILE B 107 -6.09 14.56 2.47
C ILE B 107 -5.01 13.59 2.04
N ALA B 108 -4.99 13.24 0.74
CA ALA B 108 -3.98 12.31 0.24
C ALA B 108 -2.58 12.89 0.41
N GLY B 109 -2.40 14.18 0.19
CA GLY B 109 -1.08 14.79 0.35
C GLY B 109 -0.59 14.79 1.78
N VAL B 110 -1.47 15.07 2.74
CA VAL B 110 -1.04 15.04 4.13
C VAL B 110 -0.79 13.61 4.59
N ILE B 111 -1.56 12.65 4.07
CA ILE B 111 -1.31 11.26 4.41
C ILE B 111 0.05 10.81 3.88
N ALA B 112 0.39 11.23 2.66
CA ALA B 112 1.72 10.95 2.11
C ALA B 112 2.81 11.55 3.00
N ALA B 113 2.62 12.79 3.44
CA ALA B 113 3.60 13.40 4.33
C ALA B 113 3.70 12.62 5.64
N ASP B 114 2.58 12.10 6.11
CA ASP B 114 2.59 11.37 7.38
C ASP B 114 3.30 10.03 7.25
N ILE B 115 3.05 9.29 6.17
CA ILE B 115 3.76 8.03 5.96
C ILE B 115 5.26 8.28 5.86
N PHE B 116 5.65 9.35 5.15
CA PHE B 116 7.06 9.74 5.06
C PHE B 116 7.63 10.05 6.44
N MET B 117 6.89 10.79 7.26
CA MET B 117 7.33 11.06 8.64
C MET B 117 7.60 9.76 9.41
N ILE B 118 6.66 8.81 9.36
CA ILE B 118 6.81 7.57 10.12
C ILE B 118 7.98 6.74 9.60
N LEU B 119 8.12 6.64 8.26
CA LEU B 119 9.17 5.79 7.70
C LEU B 119 10.57 6.40 7.93
N THR B 120 10.71 7.72 7.80
CA THR B 120 12.00 8.32 8.15
C THR B 120 12.27 8.20 9.65
N GLY B 121 11.22 8.21 10.47
CA GLY B 121 11.43 7.94 11.89
C GLY B 121 11.93 6.53 12.14
N LEU B 122 11.41 5.55 11.39
CA LEU B 122 11.92 4.19 11.49
C LEU B 122 13.40 4.12 11.10
N VAL B 123 13.79 4.78 10.01
CA VAL B 123 15.20 4.78 9.63
C VAL B 123 16.03 5.41 10.75
N ALA B 124 15.54 6.50 11.35
CA ALA B 124 16.26 7.14 12.45
C ALA B 124 16.42 6.17 13.62
N THR B 125 15.37 5.40 13.91
CA THR B 125 15.41 4.44 15.01
C THR B 125 16.41 3.32 14.71
N LEU B 126 16.48 2.88 13.45
CA LEU B 126 17.38 1.77 13.11
C LEU B 126 18.82 2.21 12.99
N GLU B 127 19.06 3.50 12.79
CA GLU B 127 20.41 4.00 12.54
C GLU B 127 21.15 4.26 13.84
N ALA B 128 22.44 4.51 13.71
CA ALA B 128 23.30 4.89 14.81
C ALA B 128 23.59 6.37 14.76
N PRO B 129 23.89 7.01 15.90
CA PRO B 129 24.30 8.41 15.85
C PRO B 129 25.62 8.55 15.10
N PRO B 130 25.85 9.69 14.44
CA PRO B 130 24.95 10.85 14.35
C PRO B 130 23.95 10.73 13.20
N THR B 131 24.08 9.69 12.39
CA THR B 131 23.18 9.51 11.25
C THR B 131 21.72 9.43 11.68
N SER B 132 21.46 8.84 12.84
CA SER B 132 20.08 8.77 13.34
C SER B 132 19.47 10.16 13.47
N TYR B 133 20.26 11.14 13.91
CA TYR B 133 19.75 12.49 14.12
C TYR B 133 19.41 13.18 12.81
N LEU B 134 20.11 12.83 11.73
CA LEU B 134 19.76 13.39 10.42
C LEU B 134 18.36 12.99 10.00
N TRP B 135 18.04 11.70 10.15
CA TRP B 135 16.70 11.23 9.80
C TRP B 135 15.64 11.78 10.75
N TYR B 136 15.99 11.96 12.03
CA TYR B 136 15.06 12.56 12.97
C TYR B 136 14.68 13.96 12.53
N ILE B 137 15.68 14.75 12.12
CA ILE B 137 15.43 16.11 11.66
C ILE B 137 14.55 16.10 10.42
N ILE B 138 14.85 15.21 9.47
CA ILE B 138 14.03 15.10 8.27
C ILE B 138 12.59 14.73 8.65
N SER B 139 12.43 13.77 9.57
CA SER B 139 11.08 13.38 10.00
C SER B 139 10.35 14.56 10.66
N CYS B 140 11.06 15.31 11.50
CA CYS B 140 10.49 16.52 12.12
C CYS B 140 10.05 17.53 11.07
N GLY B 141 10.79 17.65 9.97
CA GLY B 141 10.36 18.53 8.89
C GLY B 141 9.01 18.14 8.31
N ALA B 142 8.82 16.83 8.07
CA ALA B 142 7.51 16.36 7.60
C ALA B 142 6.44 16.62 8.65
N PHE B 143 6.76 16.38 9.92
CA PHE B 143 5.80 16.64 11.01
C PHE B 143 5.36 18.10 11.01
N ILE B 144 6.31 19.02 10.80
CA ILE B 144 5.97 20.44 10.81
C ILE B 144 5.04 20.77 9.64
N ALA B 145 5.28 20.17 8.47
CA ALA B 145 4.38 20.36 7.34
C ALA B 145 2.97 19.87 7.67
N ILE B 146 2.86 18.74 8.37
CA ILE B 146 1.54 18.21 8.72
C ILE B 146 0.83 19.16 9.67
N LEU B 147 1.55 19.62 10.71
CA LEU B 147 0.95 20.54 11.67
C LEU B 147 0.50 21.82 10.99
N ALA B 148 1.30 22.33 10.05
CA ALA B 148 0.91 23.53 9.32
C ALA B 148 -0.38 23.31 8.54
N SER B 149 -0.53 22.15 7.89
CA SER B 149 -1.74 21.90 7.13
C SER B 149 -2.95 21.78 8.04
N LEU B 150 -2.79 21.12 9.19
CA LEU B 150 -3.89 21.01 10.14
C LEU B 150 -4.34 22.39 10.61
N LEU B 151 -3.39 23.29 10.85
CA LEU B 151 -3.70 24.60 11.36
C LEU B 151 -4.13 25.59 10.28
N THR B 152 -3.99 25.23 9.01
CA THR B 152 -4.39 26.13 7.93
C THR B 152 -5.50 25.51 7.08
N GLU B 153 -5.15 24.58 6.20
CA GLU B 153 -6.11 24.05 5.23
C GLU B 153 -7.26 23.31 5.91
N PHE B 154 -6.93 22.39 6.85
CA PHE B 154 -7.98 21.71 7.61
C PHE B 154 -8.87 22.72 8.32
N THR B 155 -8.24 23.69 8.99
CA THR B 155 -8.99 24.63 9.82
C THR B 155 -9.88 25.54 9.00
N ALA B 156 -9.38 26.02 7.85
CA ALA B 156 -10.20 26.86 6.99
C ALA B 156 -11.39 26.10 6.45
N SER B 157 -11.19 24.83 6.10
CA SER B 157 -12.30 24.04 5.56
C SER B 157 -13.33 23.73 6.63
N ALA B 158 -12.89 23.42 7.86
CA ALA B 158 -13.83 23.14 8.94
C ALA B 158 -14.66 24.36 9.29
N ALA B 159 -14.06 25.55 9.25
CA ALA B 159 -14.77 26.76 9.64
C ALA B 159 -15.91 27.09 8.68
N ARG B 160 -15.92 26.51 7.48
CA ARG B 160 -17.00 26.70 6.53
C ARG B 160 -18.16 25.73 6.75
N ARG B 161 -18.11 24.91 7.80
CA ARG B 161 -19.14 23.92 8.10
C ARG B 161 -19.99 24.39 9.28
N ASN B 162 -21.00 23.58 9.61
CA ASN B 162 -21.88 23.87 10.75
C ASN B 162 -21.06 24.08 12.01
N VAL B 163 -21.58 24.95 12.90
CA VAL B 163 -20.80 25.32 14.08
C VAL B 163 -20.52 24.10 14.96
N ARG B 164 -21.44 23.14 15.01
CA ARG B 164 -21.22 21.96 15.85
C ARG B 164 -20.16 21.05 15.24
N VAL B 165 -20.20 20.85 13.91
CA VAL B 165 -19.15 20.09 13.25
C VAL B 165 -17.80 20.80 13.38
N ASN B 166 -17.80 22.12 13.19
CA ASN B 166 -16.55 22.88 13.31
C ASN B 166 -16.01 22.84 14.73
N ASN B 167 -16.89 22.94 15.73
CA ASN B 167 -16.43 22.89 17.12
C ASN B 167 -15.82 21.53 17.45
N LEU B 168 -16.42 20.44 16.93
CA LEU B 168 -15.86 19.12 17.15
C LEU B 168 -14.50 18.97 16.50
N PHE B 169 -14.35 19.48 15.28
CA PHE B 169 -13.05 19.43 14.60
C PHE B 169 -11.97 20.11 15.45
N LEU B 170 -12.26 21.33 15.92
CA LEU B 170 -11.25 22.10 16.65
C LEU B 170 -10.83 21.40 17.92
N LYS B 171 -11.79 20.84 18.66
CA LYS B 171 -11.46 20.09 19.87
C LYS B 171 -10.55 18.91 19.54
N LEU B 172 -10.86 18.17 18.48
CA LEU B 172 -10.04 17.02 18.13
C LEU B 172 -8.71 17.45 17.53
N ARG B 173 -8.72 18.53 16.73
CA ARG B 173 -7.47 19.03 16.17
C ARG B 173 -6.50 19.43 17.28
N ASN B 174 -6.98 20.16 18.28
CA ASN B 174 -6.10 20.63 19.36
C ASN B 174 -5.60 19.45 20.19
N TYR B 175 -6.51 18.52 20.51
CA TYR B 175 -6.17 17.31 21.24
C TYR B 175 -5.09 16.52 20.50
N LEU B 176 -5.29 16.29 19.20
CA LEU B 176 -4.32 15.52 18.41
C LEU B 176 -2.96 16.20 18.38
N ILE B 177 -2.94 17.51 18.12
CA ILE B 177 -1.66 18.21 17.94
C ILE B 177 -0.83 18.13 19.21
N VAL B 178 -1.45 18.37 20.37
CA VAL B 178 -0.71 18.36 21.63
C VAL B 178 -0.13 16.98 21.89
N LEU B 179 -0.95 15.94 21.75
CA LEU B 179 -0.47 14.57 21.94
C LEU B 179 0.62 14.19 20.93
N TRP B 180 0.42 14.53 19.65
CA TRP B 180 1.41 14.07 18.67
C TRP B 180 2.77 14.73 18.89
N ILE B 181 2.79 15.98 19.36
CA ILE B 181 4.06 16.64 19.65
C ILE B 181 4.85 15.88 20.72
N CYS B 182 4.16 15.19 21.63
CA CYS B 182 4.86 14.41 22.65
C CYS B 182 5.76 13.34 22.06
N TYR B 183 5.39 12.75 20.91
CA TYR B 183 6.16 11.60 20.40
C TYR B 183 7.60 11.96 20.06
N PRO B 184 7.90 12.97 19.24
CA PRO B 184 9.31 13.26 18.96
C PRO B 184 10.08 13.74 20.19
N ILE B 185 9.39 14.30 21.19
CA ILE B 185 10.07 14.67 22.43
C ILE B 185 10.50 13.42 23.19
N VAL B 186 9.58 12.47 23.34
CA VAL B 186 9.93 11.21 24.01
C VAL B 186 11.07 10.52 23.28
N TRP B 187 10.97 10.44 21.95
CA TRP B 187 12.01 9.81 21.14
C TRP B 187 13.39 10.40 21.43
N LEU B 188 13.50 11.72 21.44
CA LEU B 188 14.82 12.32 21.61
C LEU B 188 15.32 12.15 23.03
N LEU B 189 14.41 12.13 24.01
CA LEU B 189 14.83 11.93 25.39
C LEU B 189 15.12 10.47 25.73
N GLY B 190 14.68 9.54 24.88
CA GLY B 190 14.67 8.13 25.21
C GLY B 190 15.85 7.34 24.67
N ALA B 191 15.62 6.02 24.54
CA ALA B 191 16.70 5.09 24.26
C ALA B 191 17.18 5.16 22.82
N GLU B 192 16.32 5.59 21.89
CA GLU B 192 16.74 5.74 20.51
C GLU B 192 17.61 6.97 20.29
N ALA B 193 17.95 7.70 21.36
CA ALA B 193 18.74 8.92 21.20
C ALA B 193 19.59 9.18 22.45
N PHE B 194 19.19 10.15 23.27
CA PHE B 194 20.05 10.69 24.32
C PHE B 194 19.91 10.02 25.68
N LYS B 195 18.98 9.07 25.85
CA LYS B 195 19.00 8.16 27.01
C LYS B 195 18.78 8.90 28.34
N ILE B 196 17.91 9.89 28.34
CA ILE B 196 17.46 10.48 29.60
C ILE B 196 16.42 9.58 30.26
N ILE B 197 15.47 9.10 29.47
CA ILE B 197 14.39 8.25 29.95
C ILE B 197 14.84 6.79 29.81
N PRO B 198 14.83 5.99 30.86
CA PRO B 198 15.16 4.57 30.72
C PRO B 198 14.22 3.89 29.73
N THR B 199 14.72 2.83 29.09
CA THR B 199 13.95 2.16 28.04
C THR B 199 12.60 1.68 28.57
N GLY B 200 12.58 1.07 29.75
CA GLY B 200 11.32 0.58 30.30
C GLY B 200 10.33 1.69 30.55
N VAL B 201 10.80 2.82 31.05
CA VAL B 201 9.93 3.99 31.27
C VAL B 201 9.41 4.51 29.94
N GLU B 202 10.26 4.51 28.92
CA GLU B 202 9.86 5.00 27.61
C GLU B 202 8.72 4.16 27.02
N VAL B 203 8.77 2.85 27.22
CA VAL B 203 7.69 1.99 26.73
C VAL B 203 6.38 2.34 27.44
N VAL B 204 6.43 2.53 28.75
CA VAL B 204 5.22 2.90 29.50
C VAL B 204 4.68 4.24 29.00
N ILE B 205 5.56 5.21 28.74
CA ILE B 205 5.10 6.52 28.28
C ILE B 205 4.43 6.41 26.92
N TYR B 206 5.04 5.67 25.98
CA TYR B 206 4.40 5.49 24.68
C TYR B 206 3.04 4.81 24.82
N ALA B 207 2.92 3.85 25.74
CA ALA B 207 1.62 3.19 25.91
C ALA B 207 0.57 4.19 26.38
N ILE B 208 0.93 5.07 27.32
CA ILE B 208 -0.02 6.06 27.83
C ILE B 208 -0.43 7.02 26.72
N ILE B 209 0.54 7.59 26.00
CA ILE B 209 0.20 8.53 24.94
C ILE B 209 -0.56 7.81 23.82
N ASP B 210 -0.17 6.57 23.50
CA ASP B 210 -0.88 5.82 22.47
C ASP B 210 -2.35 5.65 22.86
N ILE B 211 -2.61 5.30 24.11
CA ILE B 211 -3.98 5.13 24.56
C ILE B 211 -4.74 6.45 24.44
N ALA B 212 -4.11 7.56 24.87
CA ALA B 212 -4.76 8.85 24.74
C ALA B 212 -5.00 9.22 23.28
N ALA B 213 -4.02 8.95 22.41
CA ALA B 213 -4.13 9.37 21.02
C ALA B 213 -5.05 8.48 20.18
N LYS B 214 -5.34 7.27 20.64
CA LYS B 214 -6.21 6.38 19.88
C LYS B 214 -7.53 6.11 20.59
N VAL B 215 -7.48 5.73 21.87
CA VAL B 215 -8.72 5.46 22.59
C VAL B 215 -9.36 6.77 23.05
N GLY B 216 -8.56 7.68 23.60
CA GLY B 216 -9.10 8.97 24.02
C GLY B 216 -9.67 9.75 22.84
N PHE B 217 -8.88 9.85 21.76
CA PHE B 217 -9.36 10.51 20.54
C PHE B 217 -10.65 9.87 20.05
N GLY B 218 -10.68 8.54 19.96
CA GLY B 218 -11.87 7.87 19.47
C GLY B 218 -13.06 8.04 20.39
N LEU B 219 -12.81 8.14 21.69
CA LEU B 219 -13.92 8.35 22.64
C LEU B 219 -14.54 9.73 22.45
N ILE B 220 -13.70 10.76 22.29
CA ILE B 220 -14.21 12.11 22.05
C ILE B 220 -15.02 12.14 20.76
N LEU B 221 -14.47 11.55 19.69
CA LEU B 221 -15.10 11.61 18.38
C LEU B 221 -16.42 10.85 18.40
N THR B 222 -16.42 9.61 18.89
CA THR B 222 -17.63 8.80 18.85
C THR B 222 -18.65 9.18 19.92
N SER B 223 -18.26 9.98 20.91
CA SER B 223 -19.21 10.43 21.91
C SER B 223 -20.00 11.66 21.47
N ALA B 224 -19.63 12.28 20.36
CA ALA B 224 -20.41 13.38 19.83
C ALA B 224 -21.83 12.92 19.51
N ALA B 225 -22.74 13.88 19.47
CA ALA B 225 -24.13 13.58 19.15
C ALA B 225 -24.22 12.92 17.79
N PRO B 226 -25.07 11.91 17.61
CA PRO B 226 -25.12 11.20 16.32
C PRO B 226 -25.49 12.09 15.15
N GLU B 227 -26.26 13.15 15.38
CA GLU B 227 -26.58 14.07 14.30
C GLU B 227 -25.35 14.83 13.85
N ILE B 228 -24.44 15.16 14.78
CA ILE B 228 -23.21 15.83 14.41
C ILE B 228 -22.31 14.92 13.58
N LEU B 229 -22.15 13.66 14.03
CA LEU B 229 -21.41 12.70 13.22
C LEU B 229 -22.08 12.49 11.87
N ALA B 230 -23.41 12.57 11.82
CA ALA B 230 -24.13 12.38 10.56
C ALA B 230 -23.80 13.47 9.56
N GLN B 231 -23.94 14.74 9.97
CA GLN B 231 -23.68 15.83 9.04
C GLN B 231 -22.20 15.94 8.71
N ALA B 232 -21.32 15.59 9.65
CA ALA B 232 -19.89 15.56 9.35
C ALA B 232 -19.58 14.50 8.30
N SER B 233 -20.18 13.32 8.43
CA SER B 233 -19.95 12.24 7.47
C SER B 233 -20.37 12.64 6.06
N ASN B 234 -21.35 13.54 5.94
CA ASN B 234 -21.77 14.03 4.63
C ASN B 234 -21.16 15.40 4.35
N GLY C 7 31.74 0.20 0.66
CA GLY C 7 32.06 -0.93 -0.19
C GLY C 7 31.82 -0.68 -1.67
N MET C 8 31.29 0.49 -1.99
CA MET C 8 31.03 0.86 -3.37
C MET C 8 32.21 1.65 -3.94
N THR C 9 32.24 1.72 -5.27
CA THR C 9 33.32 2.46 -5.93
C THR C 9 33.16 3.95 -5.71
N GLN C 10 34.25 4.69 -5.93
CA GLN C 10 34.18 6.15 -5.80
C GLN C 10 33.25 6.75 -6.86
N LEU C 11 33.28 6.21 -8.08
CA LEU C 11 32.39 6.71 -9.12
C LEU C 11 30.93 6.44 -8.78
N ALA C 12 30.63 5.27 -8.21
CA ALA C 12 29.26 5.02 -7.78
C ALA C 12 28.80 6.05 -6.76
N LEU C 13 29.66 6.39 -5.79
CA LEU C 13 29.27 7.37 -4.79
C LEU C 13 29.06 8.75 -5.43
N ILE C 14 29.89 9.11 -6.41
CA ILE C 14 29.65 10.34 -7.14
C ILE C 14 28.29 10.31 -7.83
N GLY C 15 27.95 9.18 -8.47
CA GLY C 15 26.65 9.05 -9.10
C GLY C 15 25.50 9.23 -8.13
N LEU C 16 25.60 8.64 -6.94
CA LEU C 16 24.55 8.80 -5.93
C LEU C 16 24.43 10.26 -5.50
N TRP C 17 25.56 10.95 -5.34
CA TRP C 17 25.52 12.37 -4.97
C TRP C 17 24.87 13.20 -6.06
N ILE C 18 25.14 12.87 -7.32
CA ILE C 18 24.51 13.58 -8.43
C ILE C 18 23.00 13.43 -8.36
N GLY C 19 22.51 12.20 -8.16
CA GLY C 19 21.08 11.98 -8.05
C GLY C 19 20.49 12.71 -6.86
N PHE C 20 21.14 12.60 -5.71
CA PHE C 20 20.63 13.25 -4.49
C PHE C 20 20.53 14.77 -4.67
N ILE C 21 21.61 15.40 -5.12
CA ILE C 21 21.60 16.85 -5.28
C ILE C 21 20.57 17.27 -6.32
N GLY C 22 20.45 16.50 -7.41
CA GLY C 22 19.42 16.79 -8.39
C GLY C 22 18.01 16.77 -7.81
N MET C 23 17.72 15.76 -6.96
CA MET C 23 16.38 15.70 -6.39
C MET C 23 16.16 16.84 -5.39
N VAL C 24 17.19 17.22 -4.63
CA VAL C 24 17.05 18.31 -3.67
C VAL C 24 16.76 19.61 -4.41
N ILE C 25 17.45 19.85 -5.52
CA ILE C 25 17.18 21.04 -6.32
C ILE C 25 15.75 20.99 -6.86
N GLY C 26 15.32 19.82 -7.35
CA GLY C 26 13.94 19.67 -7.76
C GLY C 26 12.96 19.95 -6.65
N ALA C 27 13.27 19.52 -5.43
CA ALA C 27 12.35 19.71 -4.32
C ALA C 27 12.19 21.20 -4.00
N VAL C 28 13.28 21.96 -4.04
CA VAL C 28 13.19 23.40 -3.84
C VAL C 28 12.34 24.04 -4.93
N ILE C 29 12.57 23.64 -6.19
CA ILE C 29 11.85 24.22 -7.32
C ILE C 29 10.36 23.93 -7.23
N PHE C 30 9.99 22.66 -7.06
CA PHE C 30 8.57 22.31 -7.06
C PHE C 30 7.89 22.73 -5.77
N GLY C 31 8.60 22.74 -4.65
CA GLY C 31 8.02 23.24 -3.42
C GLY C 31 7.66 24.71 -3.54
N GLN C 32 8.55 25.50 -4.14
CA GLN C 32 8.25 26.91 -4.37
C GLN C 32 7.10 27.08 -5.33
N LYS C 33 7.04 26.27 -6.39
CA LYS C 33 5.94 26.36 -7.34
C LYS C 33 4.61 26.03 -6.65
N ALA C 34 4.63 25.03 -5.77
CA ALA C 34 3.42 24.63 -5.06
C ALA C 34 2.97 25.73 -4.12
N VAL C 35 3.92 26.40 -3.44
CA VAL C 35 3.57 27.54 -2.61
C VAL C 35 2.98 28.65 -3.46
N ALA C 36 3.57 28.91 -4.63
CA ALA C 36 3.05 29.95 -5.52
C ALA C 36 1.66 29.60 -6.03
N MET C 37 1.32 28.30 -6.09
CA MET C 37 0.03 27.87 -6.60
C MET C 37 -0.95 27.52 -5.50
N ARG C 38 -0.66 27.88 -4.25
CA ARG C 38 -1.63 27.66 -3.18
C ARG C 38 -2.91 28.43 -3.50
N ARG C 39 -4.04 27.79 -3.21
CA ARG C 39 -5.35 28.39 -3.46
C ARG C 39 -5.60 28.60 -4.96
N LYS C 40 -5.09 27.69 -5.79
CA LYS C 40 -5.26 27.78 -7.23
C LYS C 40 -5.47 26.38 -7.79
N GLU C 41 -6.39 26.26 -8.74
CA GLU C 41 -6.61 24.98 -9.41
C GLU C 41 -5.37 24.61 -10.21
N GLY C 42 -5.01 23.33 -10.17
CA GLY C 42 -3.77 22.87 -10.77
C GLY C 42 -2.61 22.75 -9.82
N MET C 43 -2.78 23.15 -8.56
CA MET C 43 -1.71 22.99 -7.57
C MET C 43 -1.33 21.53 -7.36
N GLU C 44 -2.22 20.58 -7.70
CA GLU C 44 -1.89 19.17 -7.54
C GLU C 44 -0.67 18.79 -8.36
N PHE C 45 -0.42 19.49 -9.47
CA PHE C 45 0.72 19.11 -10.32
C PHE C 45 2.06 19.45 -9.70
N PRO C 46 2.32 20.67 -9.22
CA PRO C 46 3.59 20.88 -8.51
C PRO C 46 3.72 20.07 -7.24
N LEU C 47 2.60 19.81 -6.55
CA LEU C 47 2.66 19.03 -5.32
C LEU C 47 3.07 17.59 -5.60
N LYS C 48 2.47 16.97 -6.64
CA LYS C 48 2.91 15.63 -7.04
C LYS C 48 4.37 15.61 -7.47
N SER C 49 4.80 16.60 -8.26
CA SER C 49 6.22 16.65 -8.63
C SER C 49 7.11 16.78 -7.40
N PHE C 50 6.68 17.57 -6.41
CA PHE C 50 7.46 17.72 -5.19
C PHE C 50 7.58 16.40 -4.44
N PHE C 51 6.46 15.67 -4.29
CA PHE C 51 6.53 14.38 -3.59
C PHE C 51 7.43 13.39 -4.33
N ILE C 52 7.38 13.39 -5.65
CA ILE C 52 8.21 12.46 -6.42
C ILE C 52 9.69 12.70 -6.14
N VAL C 53 10.13 13.96 -6.20
CA VAL C 53 11.57 14.21 -5.99
C VAL C 53 11.94 14.11 -4.52
N LEU C 54 10.98 14.34 -3.61
CA LEU C 54 11.28 14.16 -2.20
C LEU C 54 11.55 12.69 -1.88
N TRP C 55 10.68 11.80 -2.37
CA TRP C 55 10.90 10.37 -2.15
C TRP C 55 12.17 9.89 -2.83
N ALA C 56 12.37 10.25 -4.11
CA ALA C 56 13.61 9.85 -4.78
C ALA C 56 14.83 10.41 -4.05
N GLY C 57 14.76 11.66 -3.59
CA GLY C 57 15.89 12.22 -2.87
C GLY C 57 16.18 11.48 -1.57
N ALA C 58 15.13 11.16 -0.82
CA ALA C 58 15.32 10.39 0.42
C ALA C 58 15.96 9.04 0.14
N LEU C 59 15.51 8.36 -0.92
CA LEU C 59 16.08 7.04 -1.21
C LEU C 59 17.52 7.16 -1.73
N TYR C 60 17.83 8.20 -2.51
CA TYR C 60 19.23 8.44 -2.85
C TYR C 60 20.06 8.65 -1.59
N LEU C 61 19.54 9.38 -0.61
CA LEU C 61 20.28 9.54 0.64
C LEU C 61 20.49 8.20 1.36
N THR C 62 19.48 7.33 1.35
CA THR C 62 19.67 6.02 2.01
C THR C 62 20.77 5.21 1.33
N MET C 63 20.96 5.38 0.03
CA MET C 63 22.04 4.70 -0.66
C MET C 63 23.39 5.34 -0.38
N ILE C 64 23.45 6.68 -0.38
CA ILE C 64 24.68 7.37 0.05
C ILE C 64 25.11 6.87 1.42
N LEU C 65 24.17 6.68 2.32
CA LEU C 65 24.48 6.28 3.68
C LEU C 65 24.68 4.78 3.83
N GLY C 66 24.55 4.02 2.73
CA GLY C 66 24.74 2.59 2.79
C GLY C 66 23.61 1.83 3.46
N GLU C 67 22.45 2.47 3.62
CA GLU C 67 21.33 1.81 4.29
C GLU C 67 20.56 0.89 3.36
N THR C 68 20.45 1.23 2.08
CA THR C 68 19.70 0.43 1.11
C THR C 68 20.59 -0.09 -0.01
N VAL C 69 21.86 -0.33 0.29
CA VAL C 69 22.79 -1.00 -0.59
C VAL C 69 23.36 -2.20 0.16
N THR C 70 23.70 -3.25 -0.58
CA THR C 70 24.18 -4.47 0.06
C THR C 70 25.28 -5.13 -0.78
N PRO C 71 26.44 -5.40 -0.19
CA PRO C 71 27.48 -6.14 -0.92
C PRO C 71 27.16 -7.63 -0.96
N VAL C 72 27.30 -8.23 -2.12
CA VAL C 72 27.10 -9.68 -2.27
C VAL C 72 28.23 -10.28 -3.12
N GLN C 75 30.13 -7.39 -5.82
CA GLN C 75 29.32 -6.32 -6.40
C GLN C 75 28.30 -5.79 -5.40
N THR C 76 28.07 -4.49 -5.44
CA THR C 76 27.09 -3.86 -4.57
C THR C 76 25.71 -3.91 -5.23
N VAL C 77 24.71 -4.28 -4.45
CA VAL C 77 23.32 -4.28 -4.92
C VAL C 77 22.66 -3.01 -4.41
N PHE C 78 22.29 -2.13 -5.35
CA PHE C 78 21.63 -0.86 -5.03
C PHE C 78 20.12 -1.05 -5.01
N TRP C 79 19.65 -1.78 -4.01
CA TRP C 79 18.24 -2.14 -4.00
C TRP C 79 17.34 -0.98 -3.58
N GLY C 80 17.90 0.04 -2.92
CA GLY C 80 17.13 1.23 -2.62
C GLY C 80 16.49 1.89 -3.84
N ARG C 81 17.10 1.75 -5.02
CA ARG C 81 16.51 2.42 -6.17
C ARG C 81 15.15 1.81 -6.54
N TYR C 82 14.91 0.54 -6.21
CA TYR C 82 13.60 -0.07 -6.45
C TYR C 82 12.56 0.43 -5.46
N VAL C 83 12.97 0.71 -4.22
CA VAL C 83 12.07 1.33 -3.25
C VAL C 83 11.66 2.72 -3.72
N ASP C 84 12.58 3.44 -4.35
CA ASP C 84 12.27 4.71 -5.00
C ASP C 84 11.26 4.49 -6.13
N TRP C 85 11.61 3.66 -7.11
CA TRP C 85 10.82 3.57 -8.34
C TRP C 85 9.41 3.03 -8.09
N VAL C 86 9.26 2.12 -7.13
CA VAL C 86 7.95 1.50 -6.95
C VAL C 86 6.93 2.51 -6.45
N VAL C 87 7.39 3.61 -5.87
CA VAL C 87 6.52 4.69 -5.40
C VAL C 87 6.44 5.81 -6.42
N THR C 88 7.56 6.21 -7.02
CA THR C 88 7.53 7.40 -7.87
C THR C 88 7.03 7.10 -9.27
N THR C 89 7.28 5.90 -9.82
CA THR C 89 6.77 5.71 -11.17
C THR C 89 5.24 5.67 -11.21
N PRO C 90 4.54 5.10 -10.23
CA PRO C 90 3.06 5.26 -10.24
C PRO C 90 2.59 6.71 -10.22
N VAL C 91 3.26 7.58 -9.46
CA VAL C 91 2.82 8.98 -9.38
C VAL C 91 3.07 9.70 -10.69
N LEU C 92 4.16 9.38 -11.38
CA LEU C 92 4.37 9.94 -12.71
C LEU C 92 3.24 9.53 -13.67
N LEU C 93 2.81 8.27 -13.61
CA LEU C 93 1.72 7.85 -14.50
C LEU C 93 0.40 8.49 -14.09
N LEU C 94 0.18 8.62 -12.79
CA LEU C 94 -0.98 9.37 -12.29
C LEU C 94 -1.03 10.78 -12.86
N ASP C 95 0.13 11.45 -12.93
CA ASP C 95 0.24 12.75 -13.59
C ASP C 95 -0.33 12.72 -15.00
N LEU C 96 0.14 11.79 -15.83
CA LEU C 96 -0.32 11.72 -17.21
C LEU C 96 -1.78 11.34 -17.28
N GLY C 97 -2.23 10.47 -16.38
CA GLY C 97 -3.63 10.07 -16.37
C GLY C 97 -4.55 11.24 -16.07
N VAL C 98 -4.17 12.11 -15.14
CA VAL C 98 -4.98 13.29 -14.84
C VAL C 98 -4.99 14.25 -16.03
N LEU C 99 -3.82 14.52 -16.61
CA LEU C 99 -3.74 15.33 -17.82
C LEU C 99 -4.60 14.77 -18.93
N ALA C 100 -4.51 13.45 -19.15
CA ALA C 100 -5.31 12.81 -20.19
C ALA C 100 -6.80 12.78 -19.86
N GLY C 101 -7.17 13.01 -18.61
CA GLY C 101 -8.56 12.84 -18.21
C GLY C 101 -9.00 11.40 -18.18
N LEU C 102 -8.06 10.49 -17.96
CA LEU C 102 -8.34 9.06 -18.05
C LEU C 102 -9.19 8.60 -16.86
N ARG C 103 -10.07 7.64 -17.12
CA ARG C 103 -10.95 7.12 -16.08
C ARG C 103 -10.14 6.53 -14.94
N PRO C 104 -10.51 6.80 -13.68
CA PRO C 104 -9.73 6.30 -12.54
C PRO C 104 -9.45 4.80 -12.54
N LYS C 105 -10.42 3.98 -12.95
CA LYS C 105 -10.15 2.55 -12.93
C LYS C 105 -9.09 2.15 -13.96
N LEU C 106 -9.03 2.85 -15.10
CA LEU C 106 -7.96 2.59 -16.06
C LEU C 106 -6.61 3.05 -15.52
N ILE C 107 -6.58 4.20 -14.85
CA ILE C 107 -5.35 4.63 -14.20
C ILE C 107 -4.89 3.58 -13.20
N ALA C 108 -5.83 3.04 -12.42
CA ALA C 108 -5.47 2.03 -11.42
C ALA C 108 -4.84 0.81 -12.09
N GLY C 109 -5.39 0.37 -13.23
CA GLY C 109 -4.83 -0.80 -13.89
C GLY C 109 -3.41 -0.56 -14.39
N VAL C 110 -3.15 0.64 -14.92
CA VAL C 110 -1.79 0.91 -15.40
C VAL C 110 -0.82 1.02 -14.23
N ILE C 111 -1.27 1.58 -13.11
CA ILE C 111 -0.42 1.66 -11.92
C ILE C 111 -0.13 0.26 -11.39
N ALA C 112 -1.12 -0.64 -11.41
CA ALA C 112 -0.87 -2.02 -11.00
C ALA C 112 0.19 -2.67 -11.89
N ALA C 113 0.07 -2.48 -13.22
CA ALA C 113 1.08 -2.99 -14.15
C ALA C 113 2.46 -2.42 -13.86
N ASP C 114 2.52 -1.12 -13.55
CA ASP C 114 3.78 -0.48 -13.26
C ASP C 114 4.44 -1.04 -12.00
N ILE C 115 3.66 -1.19 -10.93
CA ILE C 115 4.22 -1.77 -9.70
C ILE C 115 4.71 -3.18 -9.96
N PHE C 116 3.96 -3.96 -10.75
CA PHE C 116 4.42 -5.28 -11.15
C PHE C 116 5.74 -5.21 -11.91
N MET C 117 5.86 -4.24 -12.83
CA MET C 117 7.10 -4.10 -13.59
C MET C 117 8.29 -3.83 -12.67
N ILE C 118 8.13 -2.91 -11.71
CA ILE C 118 9.24 -2.55 -10.83
C ILE C 118 9.60 -3.72 -9.91
N LEU C 119 8.60 -4.40 -9.36
CA LEU C 119 8.90 -5.50 -8.44
C LEU C 119 9.49 -6.71 -9.17
N THR C 120 9.04 -7.01 -10.38
CA THR C 120 9.73 -8.09 -11.11
C THR C 120 11.14 -7.66 -11.51
N GLY C 121 11.37 -6.37 -11.75
CA GLY C 121 12.72 -5.90 -12.01
C GLY C 121 13.61 -6.00 -10.79
N LEU C 122 13.05 -5.75 -9.61
CA LEU C 122 13.80 -6.00 -8.37
C LEU C 122 14.18 -7.47 -8.25
N VAL C 123 13.23 -8.39 -8.50
CA VAL C 123 13.59 -9.80 -8.43
C VAL C 123 14.68 -10.12 -9.44
N ALA C 124 14.59 -9.57 -10.66
CA ALA C 124 15.62 -9.78 -11.67
C ALA C 124 16.99 -9.32 -11.17
N THR C 125 17.02 -8.14 -10.55
CA THR C 125 18.28 -7.59 -10.04
C THR C 125 18.85 -8.46 -8.92
N LEU C 126 17.99 -9.03 -8.07
CA LEU C 126 18.50 -9.86 -6.99
C LEU C 126 18.91 -11.25 -7.43
N GLU C 127 18.39 -11.74 -8.55
CA GLU C 127 18.66 -13.11 -8.94
C GLU C 127 20.01 -13.25 -9.65
N ALA C 128 20.37 -14.50 -9.93
CA ALA C 128 21.55 -14.89 -10.72
C ALA C 128 21.13 -15.38 -12.10
N PRO C 129 21.99 -15.26 -13.12
CA PRO C 129 21.65 -15.78 -14.44
C PRO C 129 21.53 -17.29 -14.40
N PRO C 130 20.69 -17.88 -15.26
CA PRO C 130 19.84 -17.18 -16.24
C PRO C 130 18.48 -16.78 -15.66
N THR C 131 18.26 -17.08 -14.38
CA THR C 131 16.98 -16.76 -13.75
C THR C 131 16.71 -15.26 -13.76
N SER C 132 17.75 -14.45 -13.57
CA SER C 132 17.58 -13.00 -13.64
C SER C 132 17.02 -12.57 -14.99
N TYR C 133 17.45 -13.23 -16.06
CA TYR C 133 16.97 -12.84 -17.40
C TYR C 133 15.49 -13.16 -17.56
N LEU C 134 15.03 -14.26 -16.98
CA LEU C 134 13.60 -14.59 -17.04
C LEU C 134 12.76 -13.46 -16.45
N TRP C 135 13.13 -12.99 -15.25
CA TRP C 135 12.37 -11.91 -14.62
C TRP C 135 12.50 -10.60 -15.40
N TYR C 136 13.67 -10.36 -16.01
CA TYR C 136 13.82 -9.18 -16.86
C TYR C 136 12.82 -9.20 -18.01
N ILE C 137 12.70 -10.35 -18.68
CA ILE C 137 11.73 -10.47 -19.78
C ILE C 137 10.31 -10.27 -19.29
N ILE C 138 9.97 -10.86 -18.14
CA ILE C 138 8.63 -10.69 -17.59
C ILE C 138 8.36 -9.20 -17.31
N SER C 139 9.33 -8.51 -16.71
CA SER C 139 9.16 -7.09 -16.41
C SER C 139 9.04 -6.28 -17.71
N CYS C 140 9.83 -6.62 -18.75
CA CYS C 140 9.67 -5.95 -20.05
C CYS C 140 8.28 -6.15 -20.65
N GLY C 141 7.68 -7.33 -20.43
CA GLY C 141 6.32 -7.52 -20.91
C GLY C 141 5.36 -6.54 -20.27
N ALA C 142 5.48 -6.33 -18.95
CA ALA C 142 4.64 -5.35 -18.29
C ALA C 142 4.92 -3.94 -18.82
N PHE C 143 6.19 -3.61 -19.03
CA PHE C 143 6.55 -2.31 -19.61
C PHE C 143 5.88 -2.10 -20.96
N ILE C 144 5.91 -3.13 -21.82
CA ILE C 144 5.31 -3.00 -23.15
C ILE C 144 3.81 -2.76 -23.03
N ALA C 145 3.14 -3.42 -22.08
CA ALA C 145 1.72 -3.17 -21.89
C ALA C 145 1.46 -1.73 -21.43
N ILE C 146 2.34 -1.19 -20.59
CA ILE C 146 2.18 0.19 -20.12
C ILE C 146 2.35 1.16 -21.29
N LEU C 147 3.42 0.95 -22.09
CA LEU C 147 3.63 1.77 -23.28
C LEU C 147 2.43 1.71 -24.22
N ALA C 148 1.87 0.51 -24.43
CA ALA C 148 0.70 0.39 -25.29
C ALA C 148 -0.48 1.18 -24.73
N SER C 149 -0.67 1.14 -23.41
CA SER C 149 -1.79 1.88 -22.84
C SER C 149 -1.58 3.39 -22.99
N LEU C 150 -0.34 3.85 -22.77
CA LEU C 150 -0.03 5.27 -22.97
C LEU C 150 -0.33 5.71 -24.40
N LEU C 151 0.06 4.90 -25.37
CA LEU C 151 -0.13 5.24 -26.78
C LEU C 151 -1.55 5.03 -27.26
N THR C 152 -2.40 4.36 -26.48
CA THR C 152 -3.76 4.11 -26.93
C THR C 152 -4.79 4.81 -26.05
N GLU C 153 -5.14 4.23 -24.90
CA GLU C 153 -6.26 4.77 -24.12
C GLU C 153 -5.93 6.14 -23.54
N PHE C 154 -4.70 6.35 -23.03
CA PHE C 154 -4.31 7.68 -22.57
C PHE C 154 -4.45 8.69 -23.70
N THR C 155 -3.91 8.34 -24.87
CA THR C 155 -3.86 9.26 -26.00
C THR C 155 -5.25 9.53 -26.56
N ALA C 156 -6.09 8.50 -26.63
CA ALA C 156 -7.48 8.69 -27.07
C ALA C 156 -8.25 9.57 -26.10
N SER C 157 -8.03 9.38 -24.79
CA SER C 157 -8.70 10.23 -23.81
C SER C 157 -8.23 11.69 -23.91
N ALA C 158 -6.92 11.90 -23.99
CA ALA C 158 -6.40 13.27 -24.07
C ALA C 158 -6.86 13.98 -25.33
N ALA C 159 -7.05 13.24 -26.43
CA ALA C 159 -7.47 13.84 -27.69
C ALA C 159 -8.89 14.40 -27.62
N ARG C 160 -9.68 14.01 -26.63
CA ARG C 160 -11.02 14.56 -26.46
C ARG C 160 -11.01 15.85 -25.63
N ARG C 161 -9.90 16.21 -25.01
CA ARG C 161 -9.82 17.40 -24.19
C ARG C 161 -9.43 18.61 -25.03
N ASN C 162 -9.35 19.77 -24.39
CA ASN C 162 -8.96 21.01 -25.06
C ASN C 162 -7.60 20.87 -25.73
N VAL C 163 -7.39 21.65 -26.79
CA VAL C 163 -6.21 21.49 -27.64
C VAL C 163 -4.92 21.74 -26.85
N ARG C 164 -4.93 22.73 -25.96
CA ARG C 164 -3.72 23.03 -25.20
C ARG C 164 -3.45 21.97 -24.14
N VAL C 165 -4.49 21.39 -23.54
CA VAL C 165 -4.31 20.29 -22.62
C VAL C 165 -3.79 19.06 -23.36
N ASN C 166 -4.39 18.75 -24.52
CA ASN C 166 -3.90 17.62 -25.32
C ASN C 166 -2.45 17.83 -25.74
N ASN C 167 -2.10 19.05 -26.15
CA ASN C 167 -0.73 19.32 -26.57
C ASN C 167 0.26 19.09 -25.44
N LEU C 168 -0.12 19.47 -24.22
CA LEU C 168 0.75 19.25 -23.06
C LEU C 168 0.85 17.78 -22.71
N PHE C 169 -0.25 17.04 -22.79
CA PHE C 169 -0.20 15.60 -22.58
C PHE C 169 0.77 14.94 -23.55
N LEU C 170 0.66 15.28 -24.84
CA LEU C 170 1.50 14.62 -25.85
C LEU C 170 2.97 14.88 -25.60
N LYS C 171 3.32 16.13 -25.27
CA LYS C 171 4.70 16.47 -24.96
C LYS C 171 5.23 15.64 -23.80
N LEU C 172 4.46 15.52 -22.72
CA LEU C 172 4.91 14.77 -21.56
C LEU C 172 4.87 13.27 -21.81
N ARG C 173 3.87 12.80 -22.56
CA ARG C 173 3.82 11.39 -22.92
C ARG C 173 5.09 10.98 -23.68
N ASN C 174 5.46 11.76 -24.68
CA ASN C 174 6.63 11.44 -25.50
C ASN C 174 7.91 11.54 -24.68
N TYR C 175 8.02 12.59 -23.86
CA TYR C 175 9.18 12.74 -22.98
C TYR C 175 9.32 11.53 -22.05
N LEU C 176 8.21 11.14 -21.41
CA LEU C 176 8.26 10.00 -20.48
C LEU C 176 8.66 8.73 -21.20
N ILE C 177 8.06 8.47 -22.38
CA ILE C 177 8.33 7.21 -23.07
C ILE C 177 9.81 7.11 -23.43
N VAL C 178 10.40 8.17 -23.98
CA VAL C 178 11.80 8.12 -24.39
C VAL C 178 12.69 7.86 -23.19
N LEU C 179 12.46 8.58 -22.10
CA LEU C 179 13.29 8.41 -20.91
C LEU C 179 13.09 7.03 -20.28
N TRP C 180 11.86 6.55 -20.18
CA TRP C 180 11.66 5.29 -19.48
C TRP C 180 12.28 4.12 -20.23
N ILE C 181 12.30 4.19 -21.57
CA ILE C 181 12.88 3.11 -22.37
C ILE C 181 14.37 2.97 -22.09
N CYS C 182 15.01 4.06 -21.63
CA CYS C 182 16.43 4.04 -21.29
C CYS C 182 16.73 3.05 -20.15
N TYR C 183 15.81 2.90 -19.19
CA TYR C 183 16.12 2.10 -18.02
C TYR C 183 16.37 0.63 -18.33
N PRO C 184 15.49 -0.11 -19.03
CA PRO C 184 15.80 -1.52 -19.29
C PRO C 184 16.99 -1.71 -20.21
N ILE C 185 17.33 -0.71 -21.01
CA ILE C 185 18.52 -0.83 -21.86
C ILE C 185 19.78 -0.72 -21.03
N VAL C 186 19.83 0.27 -20.13
CA VAL C 186 20.94 0.37 -19.18
C VAL C 186 21.05 -0.90 -18.36
N TRP C 187 19.92 -1.43 -17.87
CA TRP C 187 19.97 -2.65 -17.06
C TRP C 187 20.63 -3.79 -17.83
N LEU C 188 20.21 -3.99 -19.08
CA LEU C 188 20.74 -5.10 -19.87
C LEU C 188 22.21 -4.90 -20.20
N LEU C 189 22.64 -3.66 -20.41
CA LEU C 189 24.05 -3.40 -20.72
C LEU C 189 24.95 -3.46 -19.49
N GLY C 190 24.38 -3.39 -18.29
CA GLY C 190 25.16 -3.32 -17.07
C GLY C 190 25.50 -4.68 -16.49
N ALA C 191 25.94 -4.65 -15.24
CA ALA C 191 26.50 -5.83 -14.60
C ALA C 191 25.48 -6.95 -14.40
N GLU C 192 24.19 -6.64 -14.49
CA GLU C 192 23.17 -7.68 -14.31
C GLU C 192 23.03 -8.57 -15.55
N ALA C 193 23.59 -8.17 -16.69
CA ALA C 193 23.47 -8.99 -17.89
C ALA C 193 24.76 -9.02 -18.70
N PHE C 194 24.91 -8.09 -19.65
CA PHE C 194 26.03 -8.19 -20.59
C PHE C 194 27.34 -7.65 -20.01
N LYS C 195 27.31 -6.88 -18.93
CA LYS C 195 28.52 -6.39 -18.25
C LYS C 195 29.36 -5.54 -19.19
N ILE C 196 28.70 -4.70 -19.97
CA ILE C 196 29.37 -3.73 -20.82
C ILE C 196 29.61 -2.42 -20.08
N ILE C 197 28.61 -1.96 -19.35
CA ILE C 197 28.72 -0.72 -18.57
C ILE C 197 29.23 -1.09 -17.18
N PRO C 198 30.33 -0.52 -16.72
CA PRO C 198 30.82 -0.82 -15.36
C PRO C 198 29.82 -0.34 -14.32
N THR C 199 29.89 -0.96 -13.13
CA THR C 199 28.87 -0.68 -12.11
C THR C 199 28.84 0.79 -11.74
N GLY C 200 30.01 1.42 -11.59
CA GLY C 200 30.03 2.83 -11.19
C GLY C 200 29.44 3.75 -12.26
N VAL C 201 29.76 3.47 -13.53
CA VAL C 201 29.17 4.22 -14.63
C VAL C 201 27.67 4.04 -14.67
N GLU C 202 27.20 2.82 -14.41
CA GLU C 202 25.76 2.55 -14.41
C GLU C 202 25.03 3.42 -13.38
N VAL C 203 25.60 3.56 -12.19
CA VAL C 203 24.97 4.41 -11.16
C VAL C 203 24.86 5.85 -11.64
N VAL C 204 25.93 6.38 -12.26
CA VAL C 204 25.91 7.75 -12.80
C VAL C 204 24.85 7.90 -13.87
N ILE C 205 24.74 6.93 -14.78
CA ILE C 205 23.74 7.01 -15.84
C ILE C 205 22.32 7.05 -15.25
N TYR C 206 22.04 6.15 -14.29
CA TYR C 206 20.71 6.14 -13.68
C TYR C 206 20.39 7.47 -13.02
N ALA C 207 21.38 8.08 -12.38
CA ALA C 207 21.14 9.36 -11.71
C ALA C 207 20.79 10.44 -12.73
N ILE C 208 21.50 10.48 -13.84
CA ILE C 208 21.20 11.46 -14.88
C ILE C 208 19.81 11.23 -15.46
N ILE C 209 19.47 9.97 -15.76
CA ILE C 209 18.14 9.71 -16.32
C ILE C 209 17.06 9.98 -15.28
N ASP C 210 17.31 9.64 -14.02
CA ASP C 210 16.36 9.93 -12.94
C ASP C 210 16.09 11.44 -12.85
N ILE C 211 17.16 12.25 -12.89
CA ILE C 211 16.97 13.70 -12.84
C ILE C 211 16.10 14.14 -14.02
N ALA C 212 16.42 13.66 -15.23
CA ALA C 212 15.61 14.01 -16.40
C ALA C 212 14.17 13.53 -16.23
N ALA C 213 13.98 12.32 -15.72
CA ALA C 213 12.64 11.74 -15.68
C ALA C 213 11.77 12.32 -14.58
N LYS C 214 12.38 12.93 -13.56
CA LYS C 214 11.62 13.47 -12.45
C LYS C 214 11.68 14.98 -12.40
N VAL C 215 12.88 15.56 -12.47
CA VAL C 215 12.98 17.02 -12.44
C VAL C 215 12.66 17.61 -13.80
N GLY C 216 13.19 17.03 -14.87
CA GLY C 216 12.87 17.53 -16.20
C GLY C 216 11.39 17.38 -16.51
N PHE C 217 10.83 16.21 -16.22
CA PHE C 217 9.40 15.98 -16.44
C PHE C 217 8.56 16.98 -15.64
N GLY C 218 8.89 17.16 -14.36
CA GLY C 218 8.15 18.10 -13.53
C GLY C 218 8.29 19.53 -13.99
N LEU C 219 9.48 19.91 -14.49
CA LEU C 219 9.69 21.26 -15.01
C LEU C 219 8.81 21.53 -16.23
N ILE C 220 8.73 20.58 -17.16
CA ILE C 220 7.85 20.74 -18.31
C ILE C 220 6.41 20.87 -17.86
N LEU C 221 5.99 19.98 -16.96
CA LEU C 221 4.61 19.96 -16.49
C LEU C 221 4.24 21.26 -15.79
N THR C 222 5.02 21.65 -14.77
CA THR C 222 4.64 22.77 -13.92
C THR C 222 4.93 24.12 -14.56
N SER C 223 5.60 24.14 -15.71
CA SER C 223 5.85 25.38 -16.44
C SER C 223 4.76 25.72 -17.43
N ALA C 224 3.81 24.83 -17.66
CA ALA C 224 2.68 25.15 -18.52
C ALA C 224 1.91 26.32 -17.94
N ALA C 225 1.22 27.05 -18.82
CA ALA C 225 0.45 28.20 -18.37
C ALA C 225 -0.54 27.78 -17.29
N PRO C 226 -0.73 28.60 -16.26
CA PRO C 226 -1.62 28.19 -15.15
C PRO C 226 -3.04 27.86 -15.59
N GLU C 227 -3.54 28.50 -16.65
CA GLU C 227 -4.88 28.19 -17.15
C GLU C 227 -4.95 26.75 -17.65
N ILE C 228 -3.87 26.26 -18.28
CA ILE C 228 -3.85 24.90 -18.78
C ILE C 228 -3.83 23.90 -17.64
N LEU C 229 -3.00 24.16 -16.63
CA LEU C 229 -2.99 23.29 -15.45
C LEU C 229 -4.34 23.30 -14.75
N ALA C 230 -5.01 24.46 -14.71
CA ALA C 230 -6.33 24.55 -14.10
C ALA C 230 -7.34 23.69 -14.84
N GLN C 231 -7.42 23.84 -16.17
CA GLN C 231 -8.41 23.05 -16.91
C GLN C 231 -8.03 21.58 -16.92
N ALA C 232 -6.73 21.26 -16.90
CA ALA C 232 -6.32 19.86 -16.87
C ALA C 232 -6.77 19.19 -15.58
N SER C 233 -6.67 19.90 -14.45
CA SER C 233 -7.08 19.33 -13.17
C SER C 233 -8.59 19.10 -13.11
N ASN C 234 -9.36 19.86 -13.87
CA ASN C 234 -10.82 19.67 -13.92
C ASN C 234 -11.40 20.08 -15.27
C1 RET D . -5.33 -18.69 6.84
C2 RET D . -4.83 -19.19 8.20
C3 RET D . -5.33 -18.37 9.37
C4 RET D . -6.85 -18.39 9.40
C5 RET D . -7.49 -18.17 8.05
C6 RET D . -6.81 -18.25 6.89
C7 RET D . -7.49 -17.99 5.64
C8 RET D . -7.01 -17.76 4.38
C9 RET D . -7.76 -17.54 3.17
C10 RET D . -7.10 -17.53 1.99
C11 RET D . -7.63 -17.32 0.66
C12 RET D . -6.83 -17.39 -0.42
C13 RET D . -7.20 -17.16 -1.80
C14 RET D . -6.22 -17.11 -2.74
C15 RET D . -6.35 -16.86 -4.15
C16 RET D . -4.43 -17.49 6.44
C17 RET D . -5.11 -19.83 5.84
C18 RET D . -8.92 -17.70 8.17
C19 RET D . -9.25 -17.35 3.28
C20 RET D . -8.65 -16.93 -2.12
MG MG E . 4.94 -22.40 11.12
C1 HEX F . 6.22 -11.59 12.48
C2 HEX F . 7.42 -12.46 12.80
C3 HEX F . 6.99 -13.69 13.60
C4 HEX F . 8.21 -14.58 13.80
C5 HEX F . 8.01 -15.48 15.02
C6 HEX F . 9.04 -16.61 14.99
C1 HEX G . -5.32 -30.50 -11.15
C2 HEX G . -6.02 -29.29 -11.79
C3 HEX G . -6.91 -28.61 -10.75
C4 HEX G . -7.94 -27.74 -11.48
C5 HEX G . -8.81 -27.01 -10.46
C6 HEX G . -10.14 -27.73 -10.32
C1 HEX H . 4.17 -7.34 9.27
C2 HEX H . 3.51 -7.58 10.64
C3 HEX H . 2.00 -7.63 10.47
C4 HEX H . 1.35 -7.88 11.82
C5 HEX H . -0.13 -8.18 11.60
C6 HEX H . -0.85 -8.08 12.93
C1 HEX I . -15.62 -23.78 -12.09
C2 HEX I . -15.52 -23.14 -13.47
C3 HEX I . -16.92 -22.75 -13.93
C4 HEX I . -16.85 -22.13 -15.32
C5 HEX I . -18.23 -21.61 -15.71
C6 HEX I . -18.14 -20.87 -17.04
C1 HEX J . -5.51 -33.54 -8.99
C2 HEX J . -4.04 -33.52 -9.45
C3 HEX J . -3.16 -33.96 -8.29
C4 HEX J . -1.86 -34.56 -8.82
C5 HEX J . -0.90 -34.81 -7.65
C6 HEX J . 0.37 -35.47 -8.16
C1 OCT K . 6.86 -10.44 4.19
C2 OCT K . 7.16 -11.94 4.22
C3 OCT K . 8.45 -12.18 4.99
C4 OCT K . 8.51 -13.64 5.44
C5 OCT K . 9.96 -14.09 5.54
C6 OCT K . 10.09 -15.11 6.67
C7 OCT K . 11.16 -16.14 6.34
C8 OCT K . 11.08 -17.29 7.34
C1 OCT L . 2.68 -18.06 24.30
C2 OCT L . 1.31 -17.81 23.70
C3 OCT L . 0.39 -19.00 23.99
C4 OCT L . -1.03 -18.72 23.49
C5 OCT L . -1.72 -20.01 23.11
C6 OCT L . -3.20 -19.75 22.83
C7 OCT L . -3.78 -20.92 22.05
C8 OCT L . -5.31 -20.80 22.02
C1 OCT M . -0.93 -13.18 -21.33
C2 OCT M . -0.14 -14.34 -20.73
C3 OCT M . 0.51 -13.91 -19.41
C4 OCT M . 1.48 -14.99 -18.92
C5 OCT M . 1.56 -14.98 -17.40
C6 OCT M . 3.00 -14.76 -16.93
C7 OCT M . 3.12 -15.04 -15.43
C8 OCT M . 4.34 -14.33 -14.83
C1 OCT N . -10.97 -1.06 -15.86
C2 OCT N . -10.79 -1.43 -14.39
C3 OCT N . -9.33 -1.72 -14.06
C4 OCT N . -9.23 -2.24 -12.63
C5 OCT N . -7.90 -2.97 -12.46
C6 OCT N . -7.43 -2.85 -11.01
C7 OCT N . -6.65 -4.10 -10.64
C8 OCT N . -6.10 -3.94 -9.22
C1 OCT O . 7.90 -35.92 -12.40
C2 OCT O . 6.60 -35.72 -13.19
C3 OCT O . 5.39 -36.03 -12.32
C4 OCT O . 4.28 -35.08 -12.72
C5 OCT O . 2.94 -35.44 -12.07
C6 OCT O . 1.86 -34.64 -12.78
C7 OCT O . 0.63 -34.50 -11.90
C8 OCT O . -0.36 -33.53 -12.54
C1 OCT P . 8.96 -20.14 -17.91
C2 OCT P . 9.17 -20.62 -16.48
C3 OCT P . 10.53 -21.30 -16.37
C4 OCT P . 10.67 -21.93 -14.99
C5 OCT P . 12.03 -22.63 -14.91
C6 OCT P . 12.14 -23.38 -13.58
C7 OCT P . 13.58 -23.87 -13.42
C8 OCT P . 13.74 -24.50 -12.05
C1 OCT Q . -5.94 -3.73 -3.11
C2 OCT Q . -4.78 -4.71 -3.18
C3 OCT Q . -3.55 -4.14 -2.47
C4 OCT Q . -3.44 -4.69 -1.05
C5 OCT Q . -1.96 -4.84 -0.68
C6 OCT Q . -1.76 -4.73 0.82
C7 OCT Q . -0.34 -5.16 1.19
C8 OCT Q . -0.11 -4.92 2.68
C1 OCT R . 1.55 -29.52 -14.29
C2 OCT R . 2.54 -30.67 -14.38
C3 OCT R . 3.48 -30.64 -13.18
C4 OCT R . 4.93 -30.73 -13.64
C5 OCT R . 5.81 -31.10 -12.46
C6 OCT R . 7.26 -30.71 -12.73
C7 OCT R . 8.12 -31.16 -11.56
C8 OCT R . 9.58 -30.81 -11.84
C1 D10 S . -27.85 -13.74 7.10
C2 D10 S . -26.92 -14.78 7.70
C3 D10 S . -26.11 -14.15 8.83
C4 D10 S . -24.97 -15.07 9.22
C5 D10 S . -23.72 -14.23 9.49
C6 D10 S . -22.75 -15.04 10.36
C7 D10 S . -22.18 -16.20 9.54
C8 D10 S . -20.79 -16.55 10.08
C9 D10 S . -19.99 -17.28 9.00
C10 D10 S . -20.65 -18.61 8.64
C1 D10 T . 5.72 -22.74 -18.99
C2 D10 T . 6.46 -23.75 -19.87
C3 D10 T . 7.46 -24.53 -19.00
C4 D10 T . 8.63 -25.01 -19.88
C5 D10 T . 9.73 -25.60 -19.00
C6 D10 T . 11.08 -24.98 -19.38
C7 D10 T . 12.18 -25.73 -18.63
C8 D10 T . 13.40 -24.82 -18.43
C9 D10 T . 14.08 -25.18 -17.11
C10 D10 T . 15.57 -25.40 -17.35
C1 D12 U . -12.42 -25.17 -11.50
C2 D12 U . -11.43 -24.17 -12.10
C3 D12 U . -11.43 -24.33 -13.62
C4 D12 U . -10.07 -23.85 -14.16
C5 D12 U . -9.91 -24.23 -15.63
C6 D12 U . -8.47 -23.97 -16.05
C7 D12 U . -7.54 -24.47 -14.94
C8 D12 U . -6.22 -24.97 -15.53
C9 D12 U . -5.62 -26.00 -14.57
C10 D12 U . -4.44 -26.69 -15.23
C11 D12 U . -3.64 -27.46 -14.18
C12 D12 U . -2.33 -27.94 -14.79
C1 D12 V . -0.76 -36.83 -3.50
C2 D12 V . -1.72 -35.95 -4.31
C3 D12 V . -2.83 -35.41 -3.42
C4 D12 V . -4.02 -35.01 -4.29
C5 D12 V . -4.85 -33.96 -3.54
C6 D12 V . -6.14 -33.66 -4.30
C7 D12 V . -6.68 -32.35 -3.71
C8 D12 V . -8.14 -32.11 -4.08
C9 D12 V . -8.58 -30.88 -3.29
C10 D12 V . -10.00 -30.44 -3.65
C11 D12 V . -10.41 -29.30 -2.72
C12 D12 V . -11.56 -28.53 -3.32
C27 R16 W . -13.34 -16.55 16.95
C28 R16 W . -12.50 -17.39 15.99
C29 R16 W . -12.91 -18.86 16.05
C30 R16 W . -11.78 -19.71 15.48
C31 R16 W . -12.14 -21.20 15.43
C32 R16 W . -11.14 -21.99 16.28
C33 R16 W . -10.75 -23.29 15.59
C34 R16 W . -9.90 -24.14 16.53
C35 R16 W . -8.42 -23.83 16.34
C36 R16 W . -7.67 -24.05 17.66
C37 R16 W . -6.18 -24.26 17.39
C38 R16 W . -5.78 -25.65 17.90
C39 R16 W . -4.35 -25.97 17.50
C40 R16 W . -4.20 -27.47 17.21
C41 R16 W . -3.06 -28.07 18.03
C42 R16 W . -2.45 -29.26 17.31
C27 R16 X . -15.42 -28.99 1.36
C28 R16 X . -16.31 -28.71 0.16
C29 R16 X . -15.48 -28.34 -1.06
C30 R16 X . -16.35 -28.38 -2.31
C31 R16 X . -15.77 -27.51 -3.42
C32 R16 X . -16.80 -27.36 -4.54
C33 R16 X . -17.14 -25.88 -4.73
C34 R16 X . -18.63 -25.71 -5.01
C35 R16 X . -19.01 -24.24 -4.82
C36 R16 X . -20.54 -24.06 -4.74
C37 R16 X . -20.91 -22.90 -5.66
C38 R16 X . -22.42 -22.65 -5.64
C39 R16 X . -22.75 -21.58 -6.67
C40 R16 X . -24.24 -21.57 -6.99
C41 R16 X . -24.99 -20.88 -5.84
C42 R16 X . -26.17 -20.09 -6.43
C27 R16 Y . -15.01 1.04 -4.75
C28 R16 Y . -13.50 1.11 -4.58
C29 R16 Y . -13.14 0.68 -3.16
C30 R16 Y . -11.64 0.85 -2.94
C31 R16 Y . -11.32 0.71 -1.46
C32 R16 Y . -9.82 0.63 -1.24
C33 R16 Y . -9.53 0.46 0.26
C34 R16 Y . -8.04 0.27 0.50
C35 R16 Y . -7.83 -0.55 1.77
C36 R16 Y . -7.41 0.36 2.93
C37 R16 Y . -7.01 -0.50 4.13
C38 R16 Y . -5.50 -0.41 4.37
C39 R16 Y . -5.11 -1.37 5.49
C40 R16 Y . -3.59 -1.58 5.48
C41 R16 Y . -3.20 -2.51 6.63
C42 R16 Y . -1.74 -2.91 6.46
C27 R16 Z . -10.58 -13.16 18.42
C28 R16 Z . -10.98 -12.32 17.20
C29 R16 Z . -10.03 -11.13 17.08
C30 R16 Z . -9.96 -10.65 15.62
C31 R16 Z . -11.12 -9.71 15.33
C32 R16 Z . -10.98 -9.10 13.93
C33 R16 Z . -12.30 -8.39 13.60
C34 R16 Z . -12.21 -7.60 12.30
C35 R16 Z . -13.61 -7.09 11.99
C36 R16 Z . -13.58 -6.02 10.90
C37 R16 Z . -15.00 -5.62 10.52
C38 R16 Z . -15.30 -6.09 9.09
C39 R16 Z . -16.63 -5.50 8.62
C40 R16 Z . -16.35 -4.15 7.97
C41 R16 Z . -17.61 -3.71 7.22
C42 R16 Z . -18.73 -3.53 8.23
C27 R16 AA . 0.13 -39.30 5.47
C28 R16 AA . -0.10 -39.79 4.04
C29 R16 AA . -1.58 -39.68 3.72
C30 R16 AA . -1.93 -38.26 3.28
C31 R16 AA . -3.41 -37.98 3.58
C32 R16 AA . -3.87 -36.68 2.93
C33 R16 AA . -5.12 -36.96 2.10
C34 R16 AA . -5.81 -35.68 1.65
C35 R16 AA . -6.49 -35.91 0.30
C36 R16 AA . -7.83 -35.17 0.23
C37 R16 AA . -7.60 -33.67 0.31
C38 R16 AA . -8.93 -32.92 0.40
C39 R16 AA . -8.70 -31.58 1.10
C40 R16 AA . -10.02 -30.83 1.28
C41 R16 AA . -9.90 -29.85 2.45
C42 R16 AA . -11.22 -29.11 2.65
C01 C14 BA . -0.16 -22.24 -21.26
C02 C14 BA . 0.53 -23.46 -21.86
C03 C14 BA . 1.27 -24.22 -20.76
C04 C14 BA . 2.34 -25.11 -21.40
C05 C14 BA . 2.43 -26.43 -20.63
C06 C14 BA . 3.90 -26.82 -20.45
C07 C14 BA . 3.96 -28.26 -19.95
C08 C14 BA . 4.10 -28.33 -18.43
C09 C14 BA . 5.51 -27.95 -18.01
C10 C14 BA . 5.79 -28.48 -16.60
C11 C14 BA . 7.20 -29.06 -16.56
C12 C14 BA . 8.15 -28.12 -15.82
C13 C14 BA . 9.27 -28.93 -15.18
C14 C14 BA . 10.55 -28.08 -15.11
C1 RET CA . 9.04 10.17 15.58
C2 RET CA . 10.56 10.36 15.60
C3 RET CA . 11.09 11.19 14.43
C4 RET CA . 10.44 12.56 14.42
C5 RET CA . 8.96 12.54 14.70
C6 RET CA . 8.30 11.45 15.14
C7 RET CA . 6.87 11.51 15.35
C8 RET CA . 5.94 10.50 15.50
C9 RET CA . 4.51 10.61 15.73
C10 RET CA . 3.84 9.50 16.12
C11 RET CA . 2.45 9.36 16.40
C12 RET CA . 1.92 8.19 16.81
C13 RET CA . 0.52 7.91 17.08
C14 RET CA . 0.14 6.62 17.28
C15 RET CA . -1.19 6.13 17.53
C16 RET CA . 8.74 9.01 14.61
C17 RET CA . 8.63 9.74 17.00
C18 RET CA . 8.27 13.81 14.28
C19 RET CA . 3.85 11.95 15.53
C20 RET CA . -0.44 9.07 17.12
MG MG DA . 17.99 3.17 17.62
C1 HEX EA . -5.50 8.69 28.59
C2 HEX EA . -5.62 7.29 29.17
C3 HEX EA . -4.29 6.88 29.81
C4 HEX EA . -4.46 5.57 30.58
C5 HEX EA . -3.29 5.41 31.55
C6 HEX EA . -3.15 3.94 31.93
C1 HEX FA . 2.74 -3.95 38.15
C2 HEX FA . 1.49 -3.73 37.30
C3 HEX FA . 1.26 -2.22 37.14
C4 HEX FA . 0.04 -1.98 36.26
C5 HEX FA . -0.18 -0.49 36.11
C6 HEX FA . -1.45 -0.22 35.29
C1 HEX GA . -10.21 15.90 27.16
C2 HEX GA . -10.56 16.76 25.95
C3 HEX GA . -9.48 17.84 25.78
C4 HEX GA . -10.02 18.96 24.89
C5 HEX GA . -9.45 18.77 23.48
C6 HEX GA . -9.14 20.12 22.86
C1 HEX HA . 23.44 14.12 27.66
C2 HEX HA . 23.06 15.12 26.56
C3 HEX HA . 21.54 15.17 26.43
C4 HEX HA . 21.13 16.02 25.22
C5 HEX HA . 19.61 16.13 25.18
C6 HEX HA . 19.20 16.93 23.94
C1 HEX IA . 5.03 23.39 13.57
C2 HEX IA . 4.78 24.83 13.14
C3 HEX IA . 3.46 24.93 12.39
C4 HEX IA . 3.26 26.35 11.88
C5 HEX IA . 1.78 26.71 11.95
C6 HEX IA . 1.40 27.61 10.78
C1 OCT JA . 27.72 10.72 8.04
C2 OCT JA . 26.32 11.18 8.45
C3 OCT JA . 26.42 12.48 9.25
C4 OCT JA . 25.03 13.02 9.54
C5 OCT JA . 25.13 14.40 10.17
C6 OCT JA . 24.27 14.44 11.43
C7 OCT JA . 23.41 15.69 11.42
C8 OCT JA . 22.87 15.94 12.83
C1 OCT KA . 16.01 0.73 5.57
C2 OCT KA . 16.85 1.49 6.60
C3 OCT KA . 17.88 0.53 7.21
C4 OCT KA . 18.76 1.30 8.20
C5 OCT KA . 19.85 0.37 8.71
C6 OCT KA . 20.91 1.18 9.43
C7 OCT KA . 22.21 0.37 9.49
C8 OCT KA . 22.86 0.38 8.10
C1 OCT LA . -3.10 23.78 21.31
C2 OCT LA . -3.16 24.74 20.12
C3 OCT LA . -2.34 24.14 18.98
C4 OCT LA . -1.11 25.03 18.74
C5 OCT LA . 0.14 24.15 18.75
C6 OCT LA . 1.09 24.66 17.67
C7 OCT LA . 2.44 23.96 17.83
C8 OCT LA . 3.17 23.97 16.50
C1 OCT MA . 6.82 21.68 16.61
C2 OCT MA . 7.27 20.28 16.96
C3 OCT MA . 8.50 19.90 16.13
C4 OCT MA . 9.18 18.66 16.73
C5 OCT MA . 10.46 19.08 17.44
C6 OCT MA . 10.77 18.08 18.57
C7 OCT MA . 11.36 18.84 19.76
C8 OCT MA . 12.63 18.15 20.23
C1 OCT NA . -3.80 16.37 26.57
C2 OCT NA . -4.95 17.00 25.78
C3 OCT NA . -4.69 18.49 25.55
C4 OCT NA . -5.75 19.07 24.61
C5 OCT NA . -6.08 20.50 25.02
C6 OCT NA . -5.79 21.45 23.86
C7 OCT NA . -6.65 22.71 24.02
C8 OCT NA . -5.84 23.95 23.63
C1 OCT OA . -13.11 2.45 6.27
C2 OCT OA . -11.61 2.52 6.01
C3 OCT OA . -10.84 1.81 7.12
C4 OCT OA . -9.38 1.62 6.71
C5 OCT OA . -8.52 1.56 7.97
C6 OCT OA . -7.53 0.38 7.89
C7 OCT OA . -6.71 0.32 9.17
C8 OCT OA . -6.39 -1.14 9.54
C1 D10 PA . -6.32 4.88 2.82
C2 D10 PA . -6.41 4.59 4.31
C3 D10 PA . -5.08 4.89 4.99
C4 D10 PA . -4.32 3.60 5.30
C5 D10 PA . -2.83 3.91 5.34
C6 D10 PA . -1.99 2.64 5.22
C7 D10 PA . -0.55 3.03 4.89
C8 D10 PA . 0.35 1.80 4.77
C9 D10 PA . 1.78 2.23 4.50
C10 D10 PA . 2.69 1.02 4.47
C1 D10 QA . 3.94 0.60 36.55
C2 D10 QA . 3.52 1.57 35.44
C3 D10 QA . 2.36 2.45 35.93
C4 D10 QA . 2.28 3.69 35.05
C5 D10 QA . 1.23 4.66 35.60
C6 D10 QA . 0.24 5.00 34.50
C7 D10 QA . -0.64 6.18 34.93
C8 D10 QA . 0.07 7.49 34.57
C9 D10 QA . -0.92 8.42 33.86
C10 D10 QA . -0.29 9.80 33.72
C1 D12 RA . 19.80 16.28 17.92
C2 D12 RA . 18.55 16.60 17.09
C3 D12 RA . 17.96 17.94 17.53
C4 D12 RA . 17.12 18.52 16.40
C5 D12 RA . 15.74 18.89 16.95
C6 D12 RA . 14.69 18.79 15.85
C7 D12 RA . 14.98 19.81 14.75
C8 D12 RA . 13.68 20.17 14.04
C9 D12 RA . 13.83 19.90 12.54
C10 D12 RA . 13.15 21.00 11.73
C11 D12 RA . 13.31 20.71 10.25
C12 D12 RA . 13.08 21.99 9.45
C1 D12 SA . 1.24 18.76 3.30
C2 D12 SA . 2.19 18.41 2.15
C3 D12 SA . 3.59 18.95 2.46
C4 D12 SA . 4.58 17.81 2.60
C5 D12 SA . 5.98 18.38 2.78
C6 D12 SA . 6.96 17.34 3.32
C7 D12 SA . 8.18 18.10 3.83
C8 D12 SA . 9.37 17.17 4.08
C9 D12 SA . 10.51 18.01 4.64
C10 D12 SA . 11.82 17.23 4.62
C11 D12 SA . 12.75 17.76 5.71
C12 D12 SA . 13.80 18.70 5.12
C1 D12 TA . -7.39 -11.09 21.99
C2 D12 TA . -6.20 -12.06 22.08
C3 D12 TA . -6.14 -12.65 23.50
C4 D12 TA . -4.86 -12.20 24.17
C5 D12 TA . -3.90 -13.38 24.32
C6 D12 TA . -2.55 -12.87 24.82
C7 D12 TA . -1.57 -14.02 25.03
C8 D12 TA . -0.34 -13.49 25.76
C9 D12 TA . 0.72 -14.58 25.83
C10 D12 TA . 1.99 -14.06 26.50
C11 D12 TA . 2.97 -15.22 26.65
C12 D12 TA . 4.40 -14.72 26.41
C27 R16 UA . -10.89 10.33 1.37
C28 R16 UA . -9.51 10.48 0.71
C29 R16 UA . -8.63 9.28 1.04
C30 R16 UA . -7.25 9.52 0.44
C31 R16 UA . -6.31 8.35 0.71
C32 R16 UA . -5.16 8.41 -0.29
C33 R16 UA . -3.88 7.83 0.31
C34 R16 UA . -2.73 8.05 -0.68
C35 R16 UA . -1.39 7.85 0.02
C36 R16 UA . -0.25 8.23 -0.93
C37 R16 UA . 0.84 7.17 -0.86
C38 R16 UA . 2.19 7.81 -0.52
C39 R16 UA . 3.08 6.75 0.12
C40 R16 UA . 4.53 7.24 0.14
C41 R16 UA . 5.44 6.15 0.71
C42 R16 UA . 4.97 4.76 0.29
C01 C14 VA . -9.70 4.98 28.47
C02 C14 VA . -9.23 3.53 28.38
C03 C14 VA . -7.92 3.40 29.14
C04 C14 VA . -7.59 1.92 29.37
C05 C14 VA . -6.61 1.82 30.54
C06 C14 VA . -5.69 0.62 30.32
C07 C14 VA . -5.57 -0.18 31.62
C08 C14 VA . -4.32 -1.05 31.56
C09 C14 VA . -4.53 -2.30 32.43
C10 C14 VA . -3.27 -2.56 33.25
C11 C14 VA . -2.85 -4.02 33.08
C12 C14 VA . -1.55 -4.29 33.84
C13 C14 VA . -0.48 -4.82 32.90
C14 C14 VA . -0.23 -6.31 33.19
C1 RET WA . 13.90 -2.39 -15.14
C2 RET WA . 14.54 -3.77 -15.42
C3 RET WA . 13.53 -4.83 -15.82
C4 RET WA . 12.79 -4.41 -17.07
C5 RET WA . 12.37 -2.96 -17.08
C6 RET WA . 12.80 -2.07 -16.17
C7 RET WA . 12.33 -0.69 -16.24
C8 RET WA . 12.34 0.28 -15.31
C9 RET WA . 11.84 1.64 -15.42
C10 RET WA . 12.21 2.55 -14.48
C11 RET WA . 11.81 3.93 -14.38
C12 RET WA . 12.31 4.73 -13.42
C13 RET WA . 11.97 6.11 -13.16
C14 RET WA . 12.37 6.68 -11.99
C15 RET WA . 12.10 8.01 -11.52
C16 RET WA . 13.33 -2.44 -13.71
C17 RET WA . 15.04 -1.36 -15.20
C18 RET WA . 11.31 -2.68 -18.12
C19 RET WA . 10.91 1.98 -16.56
C20 RET WA . 11.15 6.83 -14.19
MG MG XA . 21.86 -9.05 -9.82
C1 HEX YA . 26.36 12.54 4.14
C2 HEX YA . 25.93 13.96 4.47
C3 HEX YA . 24.41 13.99 4.59
C4 HEX YA . 23.89 15.43 4.52
C5 HEX YA . 22.48 15.40 3.92
C6 HEX YA . 21.71 16.67 4.27
C1 HEX ZA . 5.67 -10.22 -8.98
C2 HEX ZA . 6.87 -10.64 -8.14
C3 HEX ZA . 6.95 -9.71 -6.95
C4 HEX ZA . 7.49 -10.47 -5.74
C5 HEX ZA . 7.94 -9.46 -4.68
C6 HEX ZA . 8.33 -10.21 -3.41
C1 HEX AB . -1.42 -4.68 -24.66
C2 HEX AB . 0.00 -5.20 -24.89
C3 HEX AB . 0.31 -6.31 -23.88
C4 HEX AB . 1.73 -6.82 -24.12
C5 HEX AB . 2.03 -7.97 -23.16
C6 HEX AB . 3.33 -8.65 -23.62
C1 HEX BB . 12.25 2.60 4.44
C2 HEX BB . 12.58 3.16 3.06
C3 HEX BB . 12.17 4.63 3.00
C4 HEX BB . 13.15 5.47 3.80
C5 HEX BB . 13.15 6.92 3.31
C6 HEX BB . 11.72 7.47 3.36
C1 HEX CB . 29.86 12.82 -14.76
C2 HEX CB . 28.99 12.73 -16.02
C3 HEX CB . 28.43 14.10 -16.37
C4 HEX CB . 27.53 14.01 -17.60
C5 HEX CB . 26.87 15.36 -17.88
C6 HEX CB . 25.48 15.14 -18.48
C1 HEX DB . 7.24 -9.13 -24.23
C2 HEX DB . 8.66 -9.65 -23.96
C3 HEX DB . 9.66 -8.52 -24.16
C4 HEX DB . 11.06 -9.09 -24.31
C5 HEX DB . 11.99 -8.04 -24.93
C6 HEX DB . 13.34 -8.06 -24.23
C1 HEX EB . 21.90 19.14 0.81
C2 HEX EB . 23.30 18.75 0.34
C3 HEX EB . 24.20 18.52 1.56
C4 HEX EB . 25.65 18.38 1.12
C5 HEX EB . 26.52 18.07 2.34
C6 HEX EB . 27.98 18.04 1.94
C1 HEX FB . 1.76 10.83 -3.43
C2 HEX FB . 0.64 11.64 -4.09
C3 HEX FB . 0.63 13.05 -3.51
C4 HEX FB . -0.71 13.73 -3.84
C5 HEX FB . -0.55 15.25 -3.78
C6 HEX FB . -1.57 15.91 -4.71
C1 HEX GB . 12.29 -11.61 -3.00
C2 HEX GB . 13.10 -12.23 -4.14
C3 HEX GB . 14.49 -12.62 -3.62
C4 HEX GB . 15.24 -13.38 -4.71
C5 HEX GB . 16.63 -13.76 -4.18
C6 HEX GB . 17.36 -14.62 -5.22
C1 HEX HB . 14.04 -5.86 -0.43
C2 HEX HB . 15.42 -5.87 -1.07
C3 HEX HB . 16.32 -6.87 -0.36
C4 HEX HB . 17.78 -6.55 -0.70
C5 HEX HB . 18.73 -7.62 -0.16
C6 HEX HB . 19.90 -7.75 -1.11
C1 OCT IB . 6.12 -12.19 -20.84
C2 OCT IB . 5.16 -11.09 -20.40
C3 OCT IB . 4.43 -11.52 -19.13
C4 OCT IB . 3.99 -10.31 -18.31
C5 OCT IB . 2.86 -9.56 -19.02
C6 OCT IB . 2.33 -8.44 -18.11
C7 OCT IB . 1.14 -7.77 -18.79
C8 OCT IB . 0.62 -6.64 -17.90
C1 OCT JB . 26.97 16.05 -13.70
C2 OCT JB . 25.73 16.93 -13.85
C3 OCT JB . 24.52 16.06 -14.16
C4 OCT JB . 23.36 16.97 -14.55
C5 OCT JB . 22.14 16.12 -14.90
C6 OCT JB . 21.24 16.86 -15.89
C7 OCT JB . 19.95 16.05 -16.07
C8 OCT JB . 19.24 16.45 -17.36
C1 OCT KB . 0.02 2.82 -31.27
C2 OCT KB . -0.40 1.35 -31.11
C3 OCT KB . 0.16 0.80 -29.81
C4 OCT KB . 1.67 0.60 -29.94
C5 OCT KB . 2.16 -0.28 -28.78
C6 OCT KB . 3.60 -0.72 -29.03
C7 OCT KB . 4.35 -0.69 -27.71
C8 OCT KB . 5.71 0.00 -27.91
C1 OCT LB . 1.05 5.75 -5.41
C2 OCT LB . 2.08 5.09 -4.50
C3 OCT LB . 2.24 3.63 -4.90
C4 OCT LB . 3.06 2.88 -3.86
C5 OCT LB . 3.14 1.41 -4.23
C6 OCT LB . 3.91 0.62 -3.17
C7 OCT LB . 3.90 -0.86 -3.54
C8 OCT LB . 5.03 -1.60 -2.82
C1 OCT MB . 16.28 -21.23 -14.49
C2 OCT MB . 15.33 -20.35 -15.30
C3 OCT MB . 15.52 -20.64 -16.79
C4 OCT MB . 14.58 -19.77 -17.62
C5 OCT MB . 15.27 -19.33 -18.90
C6 OCT MB . 15.80 -17.90 -18.72
C7 OCT MB . 15.91 -17.22 -20.09
C8 OCT MB . 14.54 -17.16 -20.75
C1 D12 NB . 16.50 -9.64 -24.84
C2 D12 NB . 17.52 -9.92 -23.74
C3 D12 NB . 17.01 -11.02 -22.82
C4 D12 NB . 18.02 -11.24 -21.70
C5 D12 NB . 19.25 -11.98 -22.23
C6 D12 NB . 20.47 -11.60 -21.40
C7 D12 NB . 21.71 -12.33 -21.92
C8 D12 NB . 22.95 -11.80 -21.21
C9 D12 NB . 24.21 -12.51 -21.70
C10 D12 NB . 25.30 -12.24 -20.66
C11 D12 NB . 26.67 -12.65 -21.16
C12 D12 NB . 27.71 -12.09 -20.19
C27 R16 OB . 31.79 11.92 -3.34
C28 R16 OB . 31.14 13.30 -3.45
C29 R16 OB . 30.73 13.54 -4.90
C30 R16 OB . 30.05 14.90 -5.03
C31 R16 OB . 29.46 15.05 -6.43
C32 R16 OB . 28.86 16.45 -6.60
C33 R16 OB . 27.70 16.41 -7.60
C34 R16 OB . 27.78 17.61 -8.55
C35 R16 OB . 26.43 18.31 -8.64
C36 R16 OB . 25.60 17.77 -9.81
C37 R16 OB . 24.13 18.04 -9.55
C38 R16 OB . 23.31 18.13 -10.84
C39 R16 OB . 22.02 18.89 -10.53
C40 R16 OB . 21.09 18.98 -11.73
C41 R16 OB . 19.93 19.90 -11.40
C42 R16 OB . 18.86 19.84 -12.50
C27 R16 PB . 0.59 -5.45 -7.58
C28 R16 PB . 0.88 -4.88 -6.21
C29 R16 PB . -0.34 -4.14 -5.66
C30 R16 PB . -0.97 -3.28 -6.76
C31 R16 PB . -2.11 -2.46 -6.18
C32 R16 PB . -2.72 -1.60 -7.28
C33 R16 PB . -3.51 -0.45 -6.64
C34 R16 PB . -3.16 0.86 -7.32
C35 R16 PB . -4.43 1.65 -7.64
C36 R16 PB . -4.20 3.12 -7.36
C37 R16 PB . -5.52 3.89 -7.47
C38 R16 PB . -5.36 5.02 -8.46
C39 R16 PB . -6.35 6.14 -8.13
C40 R16 PB . -6.45 7.12 -9.29
C41 R16 PB . -7.40 8.26 -8.92
C42 R16 PB . -7.53 9.21 -10.09
C27 R16 QB . 17.44 15.84 -21.10
C28 R16 QB . 17.50 14.34 -21.34
C29 R16 QB . 18.77 13.75 -20.73
C30 R16 QB . 18.63 12.22 -20.66
C31 R16 QB . 19.99 11.57 -20.94
C32 R16 QB . 19.82 10.08 -21.28
C33 R16 QB . 21.11 9.29 -20.98
C34 R16 QB . 22.28 10.21 -20.63
C35 R16 QB . 23.45 9.39 -20.08
C36 R16 QB . 24.70 10.25 -19.85
C37 R16 QB . 25.61 9.46 -18.90
C38 R16 QB . 27.05 9.98 -18.88
C39 R16 QB . 27.90 8.92 -18.17
C40 R16 QB . 29.25 9.49 -17.76
C41 R16 QB . 30.18 8.33 -17.38
C42 R16 QB . 31.26 8.81 -16.42
N NO3 RB . 29.75 -0.35 -7.39
O1 NO3 RB . 29.69 0.21 -6.26
O2 NO3 RB . 29.35 -1.55 -7.52
O3 NO3 RB . 30.21 0.29 -8.38
N NO3 SB . 33.04 1.79 -11.84
O1 NO3 SB . 32.78 0.55 -11.77
O2 NO3 SB . 32.92 2.42 -12.93
O3 NO3 SB . 33.42 2.41 -10.79
C01 C14 TB . 8.59 33.66 -3.24
C02 C14 TB . 8.26 32.56 -2.23
C03 C14 TB . 9.44 31.59 -2.14
C04 C14 TB . 9.03 30.30 -1.45
C05 C14 TB . 10.15 29.28 -1.62
C06 C14 TB . 9.85 28.02 -0.83
C07 C14 TB . 10.97 27.00 -1.03
C08 C14 TB . 10.39 25.60 -0.89
C09 C14 TB . 11.47 24.59 -0.52
C10 C14 TB . 10.79 23.23 -0.31
C11 C14 TB . 11.55 22.42 0.73
C12 C14 TB . 12.54 21.47 0.06
C13 C14 TB . 12.81 20.29 1.00
C14 C14 TB . 14.13 19.63 0.65
#